data_7M1X
#
_entry.id   7M1X
#
_cell.length_a   1.00
_cell.length_b   1.00
_cell.length_c   1.00
_cell.angle_alpha   90.00
_cell.angle_beta   90.00
_cell.angle_gamma   90.00
#
_symmetry.space_group_name_H-M   'P 1'
#
loop_
_entity.id
_entity.type
_entity.pdbx_description
1 polymer 'DNA (136-MER)'
2 polymer 'DNA (136-MER)'
3 polymer 'Histone H3'
4 polymer 'Histone H4'
5 polymer 'Histone H2A.Z'
6 polymer 'Histone H2B 1.1'
#
loop_
_entity_poly.entity_id
_entity_poly.type
_entity_poly.pdbx_seq_one_letter_code
_entity_poly.pdbx_strand_id
1 'polydeoxyribonucleotide'
;(DA)(DC)(DA)(DG)(DG)(DA)(DT)(DG)(DT)(DA)(DT)(DA)(DT)(DA)(DT)(DC)(DT)(DG)(DA)(DC)
(DA)(DC)(DG)(DT)(DG)(DC)(DC)(DT)(DG)(DG)(DA)(DG)(DA)(DC)(DT)(DA)(DG)(DG)(DG)(DA)
(DG)(DT)(DA)(DA)(DT)(DC)(DC)(DC)(DC)(DT)(DT)(DG)(DG)(DC)(DG)(DG)(DT)(DT)(DA)(DA)
(DA)(DA)(DC)(DG)(DC)(DG)(DG)(DG)(DG)(DG)(DA)(DC)(DA)(DG)(DC)(DG)(DC)(DG)(DT)(DA)
(DC)(DG)(DT)(DG)(DC)(DG)(DT)(DT)(DT)(DA)(DA)(DG)(DC)(DG)(DG)(DT)(DG)(DC)(DT)(DA)
(DG)(DA)(DG)(DC)(DT)(DG)(DT)(DC)(DT)(DA)(DC)(DG)(DA)(DC)(DC)(DA)(DA)(DT)(DT)(DG)
(DA)(DG)(DC)(DG)(DG)(DC)(DC)(DT)(DC)(DG)(DG)(DC)(DA)(DC)(DC)(DG)(DG)(DG)(DA)(DT)
(DT)(DC)(DT)(DC)(DC)(DA)(DG)
;
I
2 'polydeoxyribonucleotide'
;(DC)(DT)(DG)(DG)(DA)(DG)(DA)(DA)(DT)(DC)(DC)(DC)(DG)(DG)(DT)(DG)(DC)(DC)(DG)(DA)
(DG)(DG)(DC)(DC)(DG)(DC)(DT)(DC)(DA)(DA)(DT)(DT)(DG)(DG)(DT)(DC)(DG)(DT)(DA)(DG)
(DA)(DC)(DA)(DG)(DC)(DT)(DC)(DT)(DA)(DG)(DC)(DA)(DC)(DC)(DG)(DC)(DT)(DT)(DA)(DA)
(DA)(DC)(DG)(DC)(DA)(DC)(DG)(DT)(DA)(DC)(DG)(DC)(DG)(DC)(DT)(DG)(DT)(DC)(DC)(DC)
(DC)(DC)(DG)(DC)(DG)(DT)(DT)(DT)(DT)(DA)(DA)(DC)(DC)(DG)(DC)(DC)(DA)(DA)(DG)(DG)
(DG)(DG)(DA)(DT)(DT)(DA)(DC)(DT)(DC)(DC)(DC)(DT)(DA)(DG)(DT)(DC)(DT)(DC)(DC)(DA)
(DG)(DG)(DC)(DA)(DC)(DG)(DT)(DG)(DT)(DC)(DA)(DG)(DA)(DT)(DA)(DT)(DA)(DT)(DA)(DC)
(DA)(DT)(DC)(DC)(DT)(DG)(DT)
;
J
3 'polypeptide(L)'
;MARTKQTARKSTGGKAPRKQLATKAARKSAPATGEVKKPHRYRPGTVALREIRRYQKSTELLIRKLPFQRLVREIAQDFK
TDLRFQSSAVMALQEASEAYLVALFEDTNLCAIHAKRVTIMPKDIQLARRIRGERA
;
A,E
4 'polypeptide(L)'
;MSGRGKGGKGLGKGGAKRHRKVLRDNIQGITKPAIRRLARRGGVKRISGLIYEETRGVLKVFLENVIRDAVTYTEHAKRK
TVTAMDVVYALKRQGRTLYGFGG
;
B,F
5 'polypeptide(L)'
;MAGGKAGKDSGKAKTKAVSRSQRAGLQFPVGRIHRHLKSRTTSHGRVGATAAVYSAAILEYLTAEVLELAGNASKDLKVK
RITPRHLQLAIRGDEELDSLIKATIAGGGVIPHIHKSLIGKKGQQKTV
;
C,G
6 'polypeptide(L)'
;MPEPAKSAPAPKKGSKKAVTKTQKKDGKKRRKTRKESYAIYVYKVLKQVHPDTGISSKAMSIMNSFVNDVFERIAGEASR
LAHYNKRSTITSREIQTAVRLLLPGELAKHAVSEGTKAVTKYTSAK
;
D,H
#
loop_
_chem_comp.id
_chem_comp.type
_chem_comp.name
_chem_comp.formula
DA DNA linking 2'-DEOXYADENOSINE-5'-MONOPHOSPHATE 'C10 H14 N5 O6 P'
DC DNA linking 2'-DEOXYCYTIDINE-5'-MONOPHOSPHATE 'C9 H14 N3 O7 P'
DG DNA linking 2'-DEOXYGUANOSINE-5'-MONOPHOSPHATE 'C10 H14 N5 O7 P'
DT DNA linking THYMIDINE-5'-MONOPHOSPHATE 'C10 H15 N2 O8 P'
#
# COMPACT_ATOMS: atom_id res chain seq x y z
N TYR C 42 -34.28 -34.36 -1.35
CA TYR C 42 -33.37 -34.90 -0.33
C TYR C 42 -33.19 -33.91 0.81
N ARG C 43 -32.00 -33.93 1.43
CA ARG C 43 -31.76 -33.10 2.60
C ARG C 43 -30.97 -31.84 2.23
N PRO C 44 -31.25 -30.74 2.93
CA PRO C 44 -30.41 -29.53 2.77
C PRO C 44 -29.16 -29.58 3.64
N GLY C 45 -28.05 -29.18 3.04
CA GLY C 45 -26.75 -29.21 3.70
C GLY C 45 -25.72 -30.10 3.03
N THR C 46 -26.07 -30.79 1.95
CA THR C 46 -25.15 -31.68 1.24
C THR C 46 -24.76 -31.13 -0.12
N VAL C 47 -25.75 -30.64 -0.88
CA VAL C 47 -25.50 -30.03 -2.17
C VAL C 47 -24.62 -28.79 -2.01
N ALA C 48 -24.73 -28.12 -0.87
CA ALA C 48 -23.86 -26.98 -0.58
C ALA C 48 -22.40 -27.40 -0.59
N LEU C 49 -22.06 -28.43 0.20
CA LEU C 49 -20.68 -28.90 0.26
C LEU C 49 -20.21 -29.47 -1.07
N ARG C 50 -21.14 -30.10 -1.81
CA ARG C 50 -20.83 -30.53 -3.17
C ARG C 50 -20.42 -29.35 -4.04
N GLU C 51 -21.13 -28.22 -3.90
CA GLU C 51 -20.79 -27.01 -4.64
C GLU C 51 -19.45 -26.45 -4.19
N ILE C 52 -19.18 -26.50 -2.88
CA ILE C 52 -17.88 -26.06 -2.36
C ILE C 52 -16.74 -26.81 -3.06
N ARG C 53 -16.82 -28.15 -3.02
CA ARG C 53 -15.80 -28.99 -3.64
C ARG C 53 -15.68 -28.71 -5.14
N ARG C 54 -16.81 -28.69 -5.84
CA ARG C 54 -16.79 -28.59 -7.30
C ARG C 54 -16.27 -27.23 -7.74
N TYR C 55 -16.74 -26.15 -7.13
CA TYR C 55 -16.35 -24.82 -7.54
C TYR C 55 -15.02 -24.38 -6.95
N GLN C 56 -14.41 -25.17 -6.07
CA GLN C 56 -13.00 -24.91 -5.75
C GLN C 56 -12.04 -25.83 -6.46
N LYS C 57 -12.51 -26.93 -7.05
CA LYS C 57 -11.62 -27.77 -7.84
C LYS C 57 -11.23 -27.07 -9.14
N SER C 58 -12.21 -26.54 -9.86
CA SER C 58 -11.96 -25.90 -11.13
C SER C 58 -11.37 -24.51 -10.94
N THR C 59 -11.15 -23.81 -12.05
CA THR C 59 -10.67 -22.44 -12.01
C THR C 59 -11.32 -21.56 -13.07
N GLU C 60 -12.38 -22.02 -13.72
CA GLU C 60 -12.96 -21.28 -14.83
C GLU C 60 -13.86 -20.17 -14.31
N LEU C 61 -14.27 -19.29 -15.23
CA LEU C 61 -15.02 -18.10 -14.85
C LEU C 61 -16.43 -18.46 -14.41
N LEU C 62 -16.87 -17.85 -13.32
CA LEU C 62 -18.19 -18.10 -12.77
C LEU C 62 -19.23 -17.10 -13.27
N ILE C 63 -18.90 -15.81 -13.23
CA ILE C 63 -19.80 -14.80 -13.77
C ILE C 63 -19.84 -14.92 -15.27
N ARG C 64 -21.03 -15.05 -15.83
CA ARG C 64 -21.16 -15.26 -17.26
C ARG C 64 -20.80 -13.98 -18.01
N LYS C 65 -20.19 -14.15 -19.17
CA LYS C 65 -19.38 -13.09 -19.76
C LYS C 65 -20.23 -11.93 -20.26
N LEU C 66 -21.28 -12.24 -21.04
CA LEU C 66 -22.03 -11.19 -21.71
C LEU C 66 -22.73 -10.21 -20.78
N PRO C 67 -23.45 -10.61 -19.73
CA PRO C 67 -24.07 -9.59 -18.86
C PRO C 67 -23.04 -8.77 -18.14
N PHE C 68 -21.91 -9.37 -17.79
CA PHE C 68 -20.85 -8.61 -17.17
C PHE C 68 -20.28 -7.57 -18.12
N GLN C 69 -20.14 -7.93 -19.39
CA GLN C 69 -19.62 -6.95 -20.34
C GLN C 69 -20.62 -5.83 -20.55
N ARG C 70 -21.91 -6.15 -20.58
CA ARG C 70 -22.91 -5.10 -20.68
C ARG C 70 -22.87 -4.19 -19.46
N LEU C 71 -22.64 -4.76 -18.28
CA LEU C 71 -22.51 -3.95 -17.07
C LEU C 71 -21.31 -3.03 -17.15
N VAL C 72 -20.20 -3.54 -17.67
CA VAL C 72 -18.99 -2.72 -17.77
C VAL C 72 -19.22 -1.58 -18.74
N ARG C 73 -19.88 -1.86 -19.86
CA ARG C 73 -20.16 -0.79 -20.82
C ARG C 73 -21.10 0.25 -20.22
N GLU C 74 -22.09 -0.21 -19.45
CA GLU C 74 -23.01 0.72 -18.82
C GLU C 74 -22.30 1.61 -17.81
N ILE C 75 -21.35 1.05 -17.07
CA ILE C 75 -20.66 1.85 -16.06
C ILE C 75 -19.71 2.83 -16.73
N ALA C 76 -19.02 2.39 -17.79
CA ALA C 76 -18.13 3.29 -18.51
C ALA C 76 -18.89 4.34 -19.30
N GLN C 77 -20.20 4.16 -19.49
CA GLN C 77 -20.99 5.16 -20.20
C GLN C 77 -20.99 6.51 -19.48
N ASP C 78 -20.73 6.52 -18.18
CA ASP C 78 -20.81 7.79 -17.44
C ASP C 78 -19.51 8.57 -17.55
N PHE C 79 -18.38 7.93 -17.28
CA PHE C 79 -17.13 8.66 -17.14
C PHE C 79 -16.57 9.10 -18.48
N LYS C 80 -17.10 8.59 -19.58
CA LYS C 80 -16.84 9.11 -20.93
C LYS C 80 -17.93 8.56 -21.83
N THR C 81 -17.98 9.08 -23.05
CA THR C 81 -19.05 8.75 -23.98
C THR C 81 -18.53 7.88 -25.11
N ASP C 82 -19.26 6.80 -25.39
CA ASP C 82 -19.03 5.94 -26.56
C ASP C 82 -17.63 5.35 -26.55
N LEU C 83 -17.37 4.53 -25.56
CA LEU C 83 -16.07 3.88 -25.45
C LEU C 83 -15.98 2.70 -26.40
N ARG C 84 -14.82 2.07 -26.39
CA ARG C 84 -14.61 0.78 -27.00
C ARG C 84 -13.72 -0.04 -26.09
N PHE C 85 -13.89 -1.35 -26.11
CA PHE C 85 -13.20 -2.22 -25.18
C PHE C 85 -12.59 -3.39 -25.92
N GLN C 86 -11.30 -3.63 -25.69
CA GLN C 86 -10.72 -4.88 -26.12
C GLN C 86 -11.34 -6.02 -25.31
N SER C 87 -11.55 -7.16 -25.96
CA SER C 87 -12.14 -8.29 -25.26
C SER C 87 -11.22 -8.78 -24.15
N SER C 88 -9.92 -8.70 -24.36
CA SER C 88 -8.98 -9.05 -23.31
C SER C 88 -9.12 -8.14 -22.10
N ALA C 89 -9.43 -6.86 -22.32
CA ALA C 89 -9.56 -5.93 -21.22
C ALA C 89 -10.76 -6.27 -20.34
N VAL C 90 -11.92 -6.51 -20.97
CA VAL C 90 -13.08 -6.82 -20.17
C VAL C 90 -12.93 -8.21 -19.55
N MET C 91 -12.17 -9.10 -20.19
CA MET C 91 -11.86 -10.38 -19.57
C MET C 91 -11.04 -10.18 -18.30
N ALA C 92 -10.07 -9.27 -18.37
CA ALA C 92 -9.25 -8.99 -17.19
C ALA C 92 -10.07 -8.37 -16.08
N LEU C 93 -10.95 -7.43 -16.43
CA LEU C 93 -11.82 -6.84 -15.43
C LEU C 93 -12.69 -7.90 -14.76
N GLN C 94 -13.20 -8.84 -15.56
CA GLN C 94 -14.01 -9.91 -15.00
C GLN C 94 -13.19 -10.77 -14.05
N GLU C 95 -11.96 -11.08 -14.43
CA GLU C 95 -11.12 -11.91 -13.57
C GLU C 95 -10.84 -11.22 -12.25
N ALA C 96 -10.50 -9.94 -12.31
CA ALA C 96 -10.16 -9.22 -11.08
C ALA C 96 -11.38 -9.07 -10.18
N SER C 97 -12.54 -8.76 -10.77
CA SER C 97 -13.75 -8.58 -9.97
C SER C 97 -14.17 -9.89 -9.33
N GLU C 98 -14.04 -11.00 -10.07
CA GLU C 98 -14.38 -12.29 -9.50
C GLU C 98 -13.46 -12.64 -8.35
N ALA C 99 -12.16 -12.38 -8.50
CA ALA C 99 -11.23 -12.65 -7.40
C ALA C 99 -11.55 -11.79 -6.18
N TYR C 100 -11.92 -10.52 -6.43
CA TYR C 100 -12.24 -9.63 -5.32
C TYR C 100 -13.49 -10.09 -4.58
N LEU C 101 -14.52 -10.48 -5.33
CA LEU C 101 -15.75 -10.94 -4.68
C LEU C 101 -15.51 -12.22 -3.92
N VAL C 102 -14.65 -13.10 -4.44
CA VAL C 102 -14.34 -14.34 -3.74
C VAL C 102 -13.64 -14.03 -2.41
N ALA C 103 -12.67 -13.11 -2.45
CA ALA C 103 -11.96 -12.75 -1.24
C ALA C 103 -12.90 -12.13 -0.21
N LEU C 104 -13.81 -11.28 -0.68
CA LEU C 104 -14.77 -10.65 0.22
C LEU C 104 -15.70 -11.67 0.85
N PHE C 105 -16.15 -12.65 0.07
CA PHE C 105 -17.03 -13.67 0.62
C PHE C 105 -16.31 -14.54 1.62
N GLU C 106 -15.06 -14.91 1.34
CA GLU C 106 -14.30 -15.70 2.31
C GLU C 106 -14.13 -14.95 3.62
N ASP C 107 -13.83 -13.65 3.53
CA ASP C 107 -13.65 -12.86 4.73
C ASP C 107 -14.95 -12.71 5.50
N THR C 108 -16.06 -12.45 4.79
CA THR C 108 -17.31 -12.30 5.51
C THR C 108 -17.81 -13.64 6.04
N ASN C 109 -17.35 -14.74 5.48
CA ASN C 109 -17.64 -16.04 6.08
C ASN C 109 -16.91 -16.19 7.39
N LEU C 110 -15.64 -15.74 7.44
CA LEU C 110 -14.94 -15.69 8.73
C LEU C 110 -15.70 -14.84 9.73
N CYS C 111 -16.18 -13.69 9.28
CA CYS C 111 -16.94 -12.79 10.15
C CYS C 111 -18.21 -13.45 10.66
N ALA C 112 -18.91 -14.17 9.79
CA ALA C 112 -20.17 -14.79 10.18
C ALA C 112 -19.93 -15.93 11.15
N ILE C 113 -18.92 -16.77 10.88
CA ILE C 113 -18.63 -17.87 11.77
C ILE C 113 -18.10 -17.38 13.09
N HIS C 114 -17.65 -16.13 13.15
CA HIS C 114 -17.29 -15.57 14.45
C HIS C 114 -18.51 -15.43 15.36
N ALA C 115 -19.66 -15.09 14.80
CA ALA C 115 -20.86 -14.88 15.60
C ALA C 115 -21.71 -16.12 15.75
N LYS C 116 -21.09 -17.31 15.65
CA LYS C 116 -21.71 -18.61 15.88
C LYS C 116 -22.86 -18.94 14.93
N ARG C 117 -23.10 -18.10 13.93
CA ARG C 117 -24.08 -18.42 12.91
C ARG C 117 -23.43 -19.23 11.81
N VAL C 118 -24.21 -19.62 10.81
CA VAL C 118 -23.64 -20.33 9.68
C VAL C 118 -24.16 -19.68 8.41
N THR C 119 -25.03 -18.69 8.57
CA THR C 119 -25.55 -17.92 7.46
C THR C 119 -25.04 -16.50 7.55
N ILE C 120 -24.46 -16.00 6.47
CA ILE C 120 -23.95 -14.63 6.43
C ILE C 120 -25.12 -13.65 6.38
N MET C 121 -24.83 -12.37 6.57
CA MET C 121 -25.86 -11.35 6.62
C MET C 121 -25.23 -10.04 6.13
N PRO C 122 -26.05 -9.09 5.67
CA PRO C 122 -25.47 -7.85 5.12
C PRO C 122 -24.63 -7.07 6.10
N LYS C 123 -24.97 -7.12 7.39
CA LYS C 123 -24.13 -6.46 8.37
C LYS C 123 -22.76 -7.08 8.44
N ASP C 124 -22.65 -8.39 8.16
CA ASP C 124 -21.33 -9.01 8.15
C ASP C 124 -20.48 -8.51 7.00
N ILE C 125 -21.08 -8.37 5.82
CA ILE C 125 -20.32 -7.88 4.68
C ILE C 125 -19.91 -6.43 4.90
N GLN C 126 -20.82 -5.63 5.44
CA GLN C 126 -20.46 -4.23 5.73
C GLN C 126 -19.38 -4.16 6.79
N LEU C 127 -19.40 -5.07 7.76
CA LEU C 127 -18.36 -5.09 8.78
C LEU C 127 -17.03 -5.47 8.18
N ALA C 128 -17.01 -6.46 7.29
CA ALA C 128 -15.77 -6.87 6.67
C ALA C 128 -15.18 -5.75 5.84
N ARG C 129 -16.03 -5.04 5.08
CA ARG C 129 -15.51 -3.93 4.28
C ARG C 129 -15.08 -2.77 5.14
N ARG C 130 -15.70 -2.59 6.30
CA ARG C 130 -15.25 -1.55 7.21
C ARG C 130 -13.89 -1.91 7.80
N ILE C 131 -13.68 -3.19 8.11
CA ILE C 131 -12.42 -3.60 8.72
C ILE C 131 -11.28 -3.53 7.73
N ARG C 132 -11.52 -3.95 6.49
CA ARG C 132 -10.51 -3.74 5.45
C ARG C 132 -10.27 -2.26 5.25
N GLY C 133 -11.32 -1.44 5.36
CA GLY C 133 -11.18 -0.01 5.32
C GLY C 133 -11.54 0.64 4.01
N GLU C 134 -12.34 -0.01 3.17
CA GLU C 134 -12.71 0.63 1.92
C GLU C 134 -13.84 1.62 2.08
N ARG C 135 -14.63 1.51 3.16
CA ARG C 135 -15.61 2.49 3.65
C ARG C 135 -16.49 3.08 2.54
N ALA C 136 -16.79 2.26 1.54
CA ALA C 136 -17.53 2.75 0.39
C ALA C 136 -18.96 2.22 0.38
N ARG D 24 -35.40 -5.55 -15.24
CA ARG D 24 -34.01 -5.95 -15.30
C ARG D 24 -33.11 -4.81 -15.72
N ASP D 25 -32.47 -4.15 -14.75
CA ASP D 25 -31.47 -3.16 -15.11
C ASP D 25 -30.19 -3.87 -15.54
N ASN D 26 -29.28 -3.08 -16.12
CA ASN D 26 -28.03 -3.63 -16.61
C ASN D 26 -27.15 -4.16 -15.48
N ILE D 27 -27.38 -3.70 -14.24
CA ILE D 27 -26.69 -4.28 -13.10
C ILE D 27 -27.20 -5.68 -12.81
N GLN D 28 -28.47 -5.96 -13.13
CA GLN D 28 -29.09 -7.21 -12.74
C GLN D 28 -28.59 -8.43 -13.50
N GLY D 29 -27.56 -8.28 -14.36
CA GLY D 29 -26.95 -9.44 -14.96
C GLY D 29 -26.26 -10.33 -13.95
N ILE D 30 -25.77 -9.75 -12.86
CA ILE D 30 -25.18 -10.53 -11.79
C ILE D 30 -26.31 -11.10 -10.96
N THR D 31 -26.76 -12.30 -11.31
CA THR D 31 -27.98 -12.86 -10.76
C THR D 31 -27.68 -13.80 -9.61
N LYS D 32 -28.76 -14.35 -9.04
CA LYS D 32 -28.66 -15.13 -7.81
C LYS D 32 -27.79 -16.38 -7.92
N PRO D 33 -27.90 -17.23 -8.94
CA PRO D 33 -26.99 -18.38 -8.99
C PRO D 33 -25.55 -18.00 -9.18
N ALA D 34 -25.27 -16.88 -9.85
CA ALA D 34 -23.88 -16.45 -10.02
C ALA D 34 -23.26 -16.09 -8.68
N ILE D 35 -23.94 -15.25 -7.90
CA ILE D 35 -23.41 -14.87 -6.60
C ILE D 35 -23.40 -16.06 -5.66
N ARG D 36 -24.35 -16.98 -5.82
CA ARG D 36 -24.36 -18.18 -5.00
C ARG D 36 -23.13 -19.04 -5.27
N ARG D 37 -22.83 -19.29 -6.54
CA ARG D 37 -21.64 -20.06 -6.88
C ARG D 37 -20.38 -19.34 -6.44
N LEU D 38 -20.38 -18.00 -6.51
CA LEU D 38 -19.25 -17.23 -6.02
C LEU D 38 -19.02 -17.48 -4.54
N ALA D 39 -20.08 -17.42 -3.75
CA ALA D 39 -19.95 -17.71 -2.33
C ALA D 39 -19.57 -19.17 -2.09
N ARG D 40 -19.98 -20.06 -3.00
CA ARG D 40 -19.57 -21.44 -2.89
C ARG D 40 -18.07 -21.58 -3.08
N ARG D 41 -17.49 -20.77 -3.97
CA ARG D 41 -16.05 -20.81 -4.13
C ARG D 41 -15.34 -20.34 -2.87
N GLY D 42 -15.86 -19.29 -2.24
CA GLY D 42 -15.24 -18.82 -1.01
C GLY D 42 -15.44 -19.72 0.18
N GLY D 43 -16.31 -20.71 0.07
CA GLY D 43 -16.58 -21.59 1.18
C GLY D 43 -17.75 -21.19 2.05
N VAL D 44 -18.61 -20.30 1.57
CA VAL D 44 -19.81 -19.95 2.33
C VAL D 44 -20.77 -21.12 2.31
N LYS D 45 -21.29 -21.48 3.47
CA LYS D 45 -22.16 -22.65 3.55
C LYS D 45 -23.62 -22.30 3.37
N ARG D 46 -24.03 -21.08 3.74
CA ARG D 46 -25.44 -20.72 3.70
C ARG D 46 -25.57 -19.21 3.55
N ILE D 47 -26.40 -18.78 2.61
CA ILE D 47 -26.52 -17.37 2.26
C ILE D 47 -27.92 -16.91 2.62
N SER D 48 -28.03 -15.67 3.07
CA SER D 48 -29.32 -15.09 3.40
C SER D 48 -29.92 -14.44 2.15
N GLY D 49 -30.96 -13.64 2.35
CA GLY D 49 -31.68 -13.06 1.25
C GLY D 49 -31.10 -11.76 0.71
N LEU D 50 -30.73 -10.84 1.60
CA LEU D 50 -30.35 -9.51 1.13
C LEU D 50 -28.92 -9.45 0.59
N ILE D 51 -28.19 -10.57 0.68
CA ILE D 51 -26.81 -10.60 0.21
C ILE D 51 -26.74 -10.31 -1.27
N TYR D 52 -27.78 -10.66 -2.02
CA TYR D 52 -27.77 -10.39 -3.45
C TYR D 52 -27.72 -8.90 -3.73
N GLU D 53 -28.61 -8.12 -3.11
CA GLU D 53 -28.58 -6.68 -3.27
C GLU D 53 -27.28 -6.09 -2.74
N GLU D 54 -26.79 -6.63 -1.62
CA GLU D 54 -25.57 -6.10 -1.02
C GLU D 54 -24.38 -6.26 -1.97
N THR D 55 -24.20 -7.45 -2.52
CA THR D 55 -23.05 -7.66 -3.39
C THR D 55 -23.25 -6.99 -4.74
N ARG D 56 -24.49 -6.80 -5.17
CA ARG D 56 -24.73 -5.98 -6.34
C ARG D 56 -24.14 -4.59 -6.14
N GLY D 57 -24.49 -3.95 -5.01
CA GLY D 57 -23.95 -2.64 -4.72
C GLY D 57 -22.43 -2.64 -4.58
N VAL D 58 -21.89 -3.67 -3.93
CA VAL D 58 -20.46 -3.69 -3.65
C VAL D 58 -19.66 -3.86 -4.94
N LEU D 59 -20.05 -4.82 -5.78
CA LEU D 59 -19.37 -5.02 -7.04
C LEU D 59 -19.51 -3.81 -7.94
N LYS D 60 -20.67 -3.13 -7.89
CA LYS D 60 -20.83 -1.90 -8.65
C LYS D 60 -19.81 -0.86 -8.21
N VAL D 61 -19.65 -0.70 -6.90
CA VAL D 61 -18.66 0.24 -6.36
C VAL D 61 -17.27 -0.10 -6.85
N PHE D 62 -16.92 -1.39 -6.78
CA PHE D 62 -15.55 -1.80 -7.10
C PHE D 62 -15.25 -1.59 -8.58
N LEU D 63 -16.17 -2.01 -9.44
CA LEU D 63 -15.97 -1.79 -10.87
C LEU D 63 -15.95 -0.32 -11.21
N GLU D 64 -16.72 0.50 -10.48
CA GLU D 64 -16.68 1.94 -10.70
C GLU D 64 -15.29 2.49 -10.38
N ASN D 65 -14.74 2.05 -9.25
CA ASN D 65 -13.43 2.53 -8.82
C ASN D 65 -12.34 2.14 -9.82
N VAL D 66 -12.46 0.96 -10.40
CA VAL D 66 -11.43 0.56 -11.36
C VAL D 66 -11.63 1.30 -12.68
N ILE D 67 -12.87 1.42 -13.13
CA ILE D 67 -13.10 1.92 -14.47
C ILE D 67 -12.86 3.42 -14.54
N ARG D 68 -13.03 4.16 -13.45
CA ARG D 68 -12.61 5.57 -13.45
C ARG D 68 -11.15 5.71 -13.80
N ASP D 69 -10.30 4.91 -13.15
CA ASP D 69 -8.87 4.99 -13.40
C ASP D 69 -8.54 4.54 -14.82
N ALA D 70 -9.21 3.50 -15.30
CA ALA D 70 -8.95 3.01 -16.65
C ALA D 70 -9.31 4.06 -17.69
N VAL D 71 -10.46 4.70 -17.53
CA VAL D 71 -10.87 5.73 -18.48
C VAL D 71 -9.92 6.93 -18.43
N THR D 72 -9.43 7.28 -17.24
CA THR D 72 -8.50 8.41 -17.17
C THR D 72 -7.19 8.09 -17.87
N TYR D 73 -6.69 6.86 -17.69
CA TYR D 73 -5.48 6.45 -18.42
C TYR D 73 -5.69 6.53 -19.91
N THR D 74 -6.79 5.95 -20.39
CA THR D 74 -7.04 5.91 -21.83
C THR D 74 -7.22 7.31 -22.39
N GLU D 75 -7.91 8.18 -21.65
CA GLU D 75 -8.08 9.55 -22.11
C GLU D 75 -6.76 10.29 -22.14
N HIS D 76 -5.84 9.94 -21.24
CA HIS D 76 -4.52 10.52 -21.34
C HIS D 76 -3.80 10.04 -22.59
N ALA D 77 -3.98 8.78 -22.93
CA ALA D 77 -3.24 8.23 -24.07
C ALA D 77 -3.82 8.63 -25.43
N LYS D 78 -4.79 9.55 -25.46
CA LYS D 78 -5.44 10.04 -26.68
C LYS D 78 -6.13 8.92 -27.47
N ARG D 79 -6.41 7.80 -26.84
CA ARG D 79 -7.11 6.71 -27.49
C ARG D 79 -8.57 6.70 -27.05
N LYS D 80 -9.36 5.86 -27.71
CA LYS D 80 -10.76 5.69 -27.35
C LYS D 80 -11.08 4.23 -27.03
N THR D 81 -10.07 3.40 -26.84
CA THR D 81 -10.26 1.98 -26.59
C THR D 81 -9.60 1.62 -25.29
N VAL D 82 -10.38 1.14 -24.33
CA VAL D 82 -9.82 0.71 -23.05
C VAL D 82 -9.10 -0.60 -23.30
N THR D 83 -7.78 -0.54 -23.45
CA THR D 83 -7.04 -1.76 -23.70
C THR D 83 -6.79 -2.49 -22.40
N ALA D 84 -6.26 -3.71 -22.51
CA ALA D 84 -6.02 -4.53 -21.33
C ALA D 84 -4.92 -3.94 -20.48
N MET D 85 -3.92 -3.33 -21.11
CA MET D 85 -2.77 -2.79 -20.39
C MET D 85 -3.19 -1.73 -19.39
N ASP D 86 -4.19 -0.93 -19.75
CA ASP D 86 -4.64 0.09 -18.80
C ASP D 86 -5.46 -0.50 -17.67
N VAL D 87 -6.17 -1.59 -17.91
CA VAL D 87 -6.85 -2.25 -16.81
C VAL D 87 -5.84 -2.81 -15.83
N VAL D 88 -4.77 -3.41 -16.35
CA VAL D 88 -3.72 -3.92 -15.47
C VAL D 88 -3.08 -2.78 -14.69
N TYR D 89 -2.88 -1.62 -15.34
CA TYR D 89 -2.28 -0.50 -14.64
C TYR D 89 -3.18 0.01 -13.53
N ALA D 90 -4.49 0.11 -13.82
CA ALA D 90 -5.41 0.62 -12.82
C ALA D 90 -5.54 -0.33 -11.64
N LEU D 91 -5.53 -1.64 -11.91
CA LEU D 91 -5.53 -2.58 -10.80
C LEU D 91 -4.20 -2.56 -10.05
N LYS D 92 -3.11 -2.25 -10.75
CA LYS D 92 -1.80 -2.20 -10.11
C LYS D 92 -1.72 -1.02 -9.15
N ARG D 93 -2.37 0.08 -9.49
CA ARG D 93 -2.28 1.24 -8.62
C ARG D 93 -3.12 1.02 -7.36
N GLN D 94 -4.22 0.30 -7.46
CA GLN D 94 -5.16 0.18 -6.35
C GLN D 94 -4.82 -0.97 -5.42
N GLY D 95 -3.58 -1.45 -5.43
CA GLY D 95 -3.20 -2.50 -4.51
C GLY D 95 -3.82 -3.85 -4.77
N ARG D 96 -4.38 -4.05 -5.95
CA ARG D 96 -5.03 -5.30 -6.34
C ARG D 96 -4.48 -5.77 -7.68
N THR D 97 -3.15 -5.85 -7.75
CA THR D 97 -2.46 -6.17 -8.98
C THR D 97 -2.88 -7.53 -9.52
N LEU D 98 -2.76 -7.68 -10.83
CA LEU D 98 -3.25 -8.85 -11.54
C LEU D 98 -2.27 -9.19 -12.65
N TYR D 99 -1.77 -10.43 -12.64
CA TYR D 99 -0.84 -10.89 -13.64
C TYR D 99 -1.61 -11.43 -14.84
N GLY D 100 -0.92 -12.15 -15.71
CA GLY D 100 -1.59 -12.85 -16.78
C GLY D 100 -2.08 -11.98 -17.91
N PHE D 101 -1.70 -10.70 -17.95
CA PHE D 101 -2.05 -9.86 -19.08
C PHE D 101 -0.93 -8.94 -19.49
N GLY D 102 0.26 -9.09 -18.93
CA GLY D 102 1.39 -8.29 -19.33
C GLY D 102 1.39 -6.91 -18.72
N GLY D 103 2.56 -6.43 -18.32
CA GLY D 103 2.69 -5.09 -17.76
C GLY D 103 3.19 -5.08 -16.34
N ALA E 17 12.61 40.46 -13.89
CA ALA E 17 12.61 41.10 -12.58
C ALA E 17 11.51 40.53 -11.70
N VAL E 18 10.65 39.71 -12.28
CA VAL E 18 9.54 39.11 -11.56
C VAL E 18 9.85 37.63 -11.32
N SER E 19 9.20 37.08 -10.30
CA SER E 19 9.30 35.65 -10.03
C SER E 19 8.16 34.91 -10.73
N ARG E 20 8.39 33.63 -10.99
CA ARG E 20 7.42 32.85 -11.72
C ARG E 20 6.14 32.65 -10.93
N SER E 21 6.23 32.65 -9.60
CA SER E 21 5.04 32.51 -8.78
C SER E 21 4.14 33.73 -8.92
N GLN E 22 4.70 34.93 -8.76
CA GLN E 22 3.92 36.13 -8.99
C GLN E 22 3.56 36.29 -10.45
N ARG E 23 4.40 35.77 -11.35
CA ARG E 23 4.09 35.79 -12.77
C ARG E 23 2.82 35.00 -13.05
N ALA E 24 2.62 33.92 -12.31
CA ALA E 24 1.39 33.17 -12.40
C ALA E 24 0.41 33.49 -11.28
N GLY E 25 0.81 34.31 -10.32
CA GLY E 25 -0.09 34.68 -9.25
C GLY E 25 -0.33 33.57 -8.25
N LEU E 26 0.70 32.82 -7.91
CA LEU E 26 0.61 31.70 -6.99
C LEU E 26 1.32 32.06 -5.69
N GLN E 27 1.46 31.08 -4.82
CA GLN E 27 2.24 31.28 -3.61
C GLN E 27 3.24 30.17 -3.34
N PHE E 28 3.41 29.23 -4.26
CA PHE E 28 4.41 28.22 -4.04
C PHE E 28 5.60 28.41 -4.98
N PRO E 29 6.79 28.06 -4.57
CA PRO E 29 7.98 28.35 -5.37
C PRO E 29 8.05 27.53 -6.65
N VAL E 30 7.85 28.19 -7.78
CA VAL E 30 7.86 27.47 -9.05
C VAL E 30 9.25 26.96 -9.38
N GLY E 31 10.28 27.74 -9.05
CA GLY E 31 11.63 27.29 -9.30
C GLY E 31 12.00 26.07 -8.47
N ARG E 32 11.61 26.08 -7.20
CA ARG E 32 11.95 24.95 -6.33
C ARG E 32 11.23 23.69 -6.74
N ILE E 33 9.93 23.82 -7.04
CA ILE E 33 9.15 22.69 -7.50
C ILE E 33 9.72 22.16 -8.81
N HIS E 34 10.15 23.07 -9.68
CA HIS E 34 10.73 22.67 -10.95
C HIS E 34 12.03 21.90 -10.73
N ARG E 35 12.84 22.34 -9.77
CA ARG E 35 14.09 21.64 -9.50
C ARG E 35 13.82 20.27 -8.92
N HIS E 36 12.83 20.14 -8.06
CA HIS E 36 12.50 18.83 -7.50
C HIS E 36 12.01 17.88 -8.58
N LEU E 37 11.09 18.36 -9.42
CA LEU E 37 10.57 17.53 -10.50
C LEU E 37 11.66 17.17 -11.49
N LYS E 38 12.61 18.06 -11.74
CA LYS E 38 13.77 17.70 -12.52
C LYS E 38 14.63 16.68 -11.78
N SER E 39 14.56 16.68 -10.46
CA SER E 39 15.37 15.76 -9.67
C SER E 39 14.71 14.40 -9.49
N ARG E 40 13.50 14.18 -9.98
CA ARG E 40 12.87 12.87 -9.82
C ARG E 40 12.19 12.40 -11.10
N THR E 41 12.90 12.40 -12.23
CA THR E 41 12.24 12.21 -13.51
C THR E 41 12.99 11.31 -14.49
N THR E 42 13.38 10.10 -14.04
CA THR E 42 13.74 9.00 -14.95
C THR E 42 14.88 9.34 -15.90
N SER E 43 16.12 9.29 -15.39
CA SER E 43 17.24 10.19 -15.69
C SER E 43 17.24 10.87 -17.05
N HIS E 44 16.96 10.14 -18.13
CA HIS E 44 16.94 10.81 -19.42
C HIS E 44 15.65 11.58 -19.67
N GLY E 45 14.81 11.77 -18.66
CA GLY E 45 13.59 12.51 -18.83
C GLY E 45 13.74 13.99 -18.59
N ARG E 46 12.82 14.76 -19.15
CA ARG E 46 12.81 16.21 -19.05
C ARG E 46 11.51 16.68 -18.43
N VAL E 47 11.49 17.92 -17.96
CA VAL E 47 10.35 18.47 -17.26
C VAL E 47 9.87 19.71 -17.99
N GLY E 48 8.59 19.72 -18.35
CA GLY E 48 8.03 20.87 -19.02
C GLY E 48 7.99 22.10 -18.12
N ALA E 49 7.96 23.26 -18.76
CA ALA E 49 7.97 24.50 -18.00
C ALA E 49 6.67 24.70 -17.24
N THR E 50 5.54 24.49 -17.92
CA THR E 50 4.25 24.75 -17.29
C THR E 50 3.92 23.71 -16.23
N ALA E 51 4.55 22.53 -16.28
CA ALA E 51 4.16 21.46 -15.37
C ALA E 51 4.46 21.81 -13.93
N ALA E 52 5.57 22.52 -13.70
CA ALA E 52 5.89 22.96 -12.35
C ALA E 52 4.83 23.92 -11.83
N VAL E 53 4.32 24.79 -12.70
CA VAL E 53 3.26 25.72 -12.31
C VAL E 53 2.03 24.95 -11.89
N TYR E 54 1.68 23.94 -12.68
CA TYR E 54 0.50 23.13 -12.38
C TYR E 54 0.65 22.41 -11.05
N SER E 55 1.83 21.83 -10.80
CA SER E 55 2.06 21.12 -9.56
C SER E 55 2.00 22.06 -8.37
N ALA E 56 2.55 23.26 -8.53
CA ALA E 56 2.50 24.24 -7.45
C ALA E 56 1.07 24.63 -7.15
N ALA E 57 0.26 24.81 -8.18
CA ALA E 57 -1.15 25.14 -7.95
C ALA E 57 -1.87 24.02 -7.23
N ILE E 58 -1.56 22.77 -7.59
CA ILE E 58 -2.21 21.63 -6.96
C ILE E 58 -1.89 21.58 -5.48
N LEU E 59 -0.60 21.69 -5.15
CA LEU E 59 -0.20 21.68 -3.76
C LEU E 59 -0.78 22.86 -3.00
N GLU E 60 -0.87 24.02 -3.67
CA GLU E 60 -1.44 25.19 -3.03
C GLU E 60 -2.90 24.96 -2.67
N TYR E 61 -3.66 24.36 -3.58
CA TYR E 61 -5.07 24.13 -3.29
C TYR E 61 -5.25 23.10 -2.19
N LEU E 62 -4.42 22.06 -2.18
CA LEU E 62 -4.52 21.05 -1.13
C LEU E 62 -4.23 21.65 0.24
N THR E 63 -3.17 22.44 0.32
CA THR E 63 -2.87 23.12 1.57
C THR E 63 -3.97 24.08 1.95
N ALA E 64 -4.58 24.73 0.96
CA ALA E 64 -5.67 25.66 1.23
C ALA E 64 -6.84 24.94 1.88
N GLU E 65 -7.20 23.78 1.33
CA GLU E 65 -8.32 23.02 1.89
C GLU E 65 -8.02 22.58 3.31
N VAL E 66 -6.84 21.98 3.51
CA VAL E 66 -6.52 21.45 4.84
C VAL E 66 -6.42 22.57 5.86
N LEU E 67 -5.81 23.69 5.48
CA LEU E 67 -5.62 24.76 6.44
C LEU E 67 -6.93 25.47 6.73
N GLU E 68 -7.81 25.62 5.75
CA GLU E 68 -9.11 26.19 6.02
C GLU E 68 -9.92 25.31 6.95
N LEU E 69 -9.85 23.99 6.75
CA LEU E 69 -10.55 23.09 7.66
C LEU E 69 -9.97 23.18 9.06
N ALA E 70 -8.64 23.28 9.17
CA ALA E 70 -8.02 23.42 10.49
C ALA E 70 -8.45 24.71 11.16
N GLY E 71 -8.56 25.79 10.38
CA GLY E 71 -8.97 27.06 10.96
C GLY E 71 -10.41 27.02 11.44
N ASN E 72 -11.29 26.43 10.64
CA ASN E 72 -12.69 26.31 11.04
C ASN E 72 -12.82 25.40 12.25
N ALA E 73 -11.94 24.42 12.39
CA ALA E 73 -11.98 23.57 13.58
C ALA E 73 -11.47 24.30 14.80
N SER E 74 -10.40 25.08 14.65
CA SER E 74 -9.83 25.78 15.79
C SER E 74 -10.72 26.91 16.27
N LYS E 75 -11.46 27.53 15.35
CA LYS E 75 -12.31 28.66 15.72
C LYS E 75 -13.41 28.23 16.69
N ASP E 76 -13.83 26.97 16.62
CA ASP E 76 -14.81 26.46 17.57
C ASP E 76 -14.19 26.12 18.91
N LEU E 77 -12.87 26.20 19.05
CA LEU E 77 -12.23 25.98 20.33
C LEU E 77 -11.56 27.23 20.88
N LYS E 78 -11.71 28.37 20.18
CA LYS E 78 -11.26 29.68 20.66
C LYS E 78 -9.76 29.72 20.92
N VAL E 79 -9.00 29.17 19.99
CA VAL E 79 -7.54 29.17 20.05
C VAL E 79 -7.02 29.80 18.77
N LYS E 80 -6.20 30.85 18.91
CA LYS E 80 -5.66 31.51 17.73
C LYS E 80 -4.55 30.69 17.07
N ARG E 81 -4.02 29.69 17.76
CA ARG E 81 -2.90 28.91 17.27
C ARG E 81 -3.34 27.51 16.91
N ILE E 82 -3.02 27.08 15.69
CA ILE E 82 -3.44 25.78 15.21
C ILE E 82 -2.49 24.71 15.73
N THR E 83 -3.04 23.63 16.29
CA THR E 83 -2.28 22.56 16.90
C THR E 83 -2.56 21.25 16.17
N PRO E 84 -1.65 20.26 16.29
CA PRO E 84 -1.90 18.95 15.68
C PRO E 84 -3.23 18.30 16.00
N ARG E 85 -3.75 18.51 17.21
CA ARG E 85 -5.09 18.02 17.51
C ARG E 85 -6.11 18.61 16.54
N HIS E 86 -5.96 19.89 16.21
CA HIS E 86 -6.86 20.52 15.27
C HIS E 86 -6.66 19.96 13.87
N LEU E 87 -5.42 19.63 13.51
CA LEU E 87 -5.18 18.99 12.21
C LEU E 87 -5.91 17.67 12.12
N GLN E 88 -5.78 16.83 13.15
CA GLN E 88 -6.39 15.52 13.10
C GLN E 88 -7.92 15.64 13.11
N LEU E 89 -8.45 16.56 13.89
CA LEU E 89 -9.91 16.75 13.91
C LEU E 89 -10.42 17.25 12.57
N ALA E 90 -9.70 18.17 11.94
CA ALA E 90 -10.13 18.70 10.65
C ALA E 90 -10.02 17.64 9.56
N ILE E 91 -8.98 16.82 9.62
CA ILE E 91 -8.78 15.82 8.57
C ILE E 91 -9.82 14.70 8.70
N ARG E 92 -9.98 14.16 9.91
CA ARG E 92 -10.94 13.08 10.07
C ARG E 92 -12.38 13.57 10.02
N GLY E 93 -12.61 14.87 10.20
CA GLY E 93 -13.97 15.38 10.05
C GLY E 93 -14.47 15.24 8.64
N ASP E 94 -13.74 15.79 7.69
CA ASP E 94 -14.10 15.65 6.28
C ASP E 94 -13.90 14.21 5.83
N GLU E 95 -14.69 13.79 4.84
CA GLU E 95 -14.56 12.45 4.30
C GLU E 95 -13.44 12.34 3.26
N GLU E 96 -13.45 13.20 2.24
CA GLU E 96 -12.52 13.00 1.13
C GLU E 96 -11.09 13.34 1.53
N LEU E 97 -10.89 14.31 2.43
CA LEU E 97 -9.55 14.56 2.92
C LEU E 97 -9.06 13.38 3.74
N ASP E 98 -9.96 12.73 4.47
CA ASP E 98 -9.61 11.51 5.18
C ASP E 98 -9.26 10.41 4.20
N SER E 99 -9.90 10.38 3.05
CA SER E 99 -9.53 9.41 2.03
C SER E 99 -8.18 9.71 1.44
N LEU E 100 -7.77 10.98 1.44
CA LEU E 100 -6.45 11.31 0.91
C LEU E 100 -5.37 11.01 1.94
N ILE E 101 -5.41 11.67 3.09
CA ILE E 101 -4.38 11.51 4.11
C ILE E 101 -4.67 10.22 4.86
N LYS E 102 -4.00 9.15 4.47
CA LYS E 102 -4.14 7.87 5.14
C LYS E 102 -3.10 7.66 6.21
N ALA E 103 -2.34 8.70 6.53
CA ALA E 103 -1.21 8.57 7.43
C ALA E 103 -1.66 8.74 8.87
N THR E 104 -0.69 8.92 9.77
CA THR E 104 -0.94 9.16 11.17
C THR E 104 -0.43 10.53 11.56
N ILE E 105 -1.21 11.25 12.34
CA ILE E 105 -0.80 12.54 12.88
C ILE E 105 -0.09 12.31 14.20
N ALA E 106 1.10 12.86 14.33
CA ALA E 106 1.86 12.72 15.57
C ALA E 106 1.16 13.49 16.69
N GLY E 107 0.75 12.77 17.73
CA GLY E 107 0.06 13.37 18.83
C GLY E 107 -1.33 13.89 18.51
N GLY E 108 -1.86 13.59 17.34
CA GLY E 108 -3.17 14.10 16.97
C GLY E 108 -4.29 13.44 17.73
N GLY E 109 -4.09 12.21 18.17
CA GLY E 109 -5.17 11.54 18.86
C GLY E 109 -6.24 11.07 17.90
N VAL E 110 -7.39 10.70 18.45
CA VAL E 110 -8.52 10.22 17.67
C VAL E 110 -9.70 11.16 17.87
N ILE E 111 -10.73 10.94 17.06
CA ILE E 111 -11.94 11.75 17.14
C ILE E 111 -12.84 11.19 18.24
N PRO E 112 -13.60 12.03 18.93
CA PRO E 112 -14.55 11.51 19.91
C PRO E 112 -15.67 10.72 19.24
N HIS E 113 -15.66 9.41 19.43
CA HIS E 113 -16.58 8.53 18.73
C HIS E 113 -17.03 7.45 19.71
N ILE E 114 -18.33 7.43 20.01
CA ILE E 114 -18.90 6.49 20.96
C ILE E 114 -19.96 5.69 20.23
N HIS E 115 -19.98 4.38 20.45
CA HIS E 115 -20.86 3.49 19.70
C HIS E 115 -22.17 3.26 20.45
N LYS E 116 -22.97 2.32 19.92
CA LYS E 116 -24.36 2.18 20.34
C LYS E 116 -24.50 1.40 21.64
N SER E 117 -23.88 0.23 21.74
CA SER E 117 -24.09 -0.63 22.90
C SER E 117 -23.17 -0.32 24.06
N LEU E 118 -22.59 0.88 24.11
CA LEU E 118 -21.64 1.23 25.15
C LEU E 118 -22.31 1.84 26.37
N ILE E 119 -23.60 1.63 26.56
CA ILE E 119 -24.30 2.21 27.69
C ILE E 119 -24.99 1.13 28.51
N LYS F 32 27.03 24.95 9.61
CA LYS F 32 26.19 23.80 9.30
C LYS F 32 25.21 24.11 8.15
N THR F 33 24.93 23.07 7.36
CA THR F 33 24.19 23.25 6.12
C THR F 33 22.70 23.39 6.41
N ARG F 34 22.09 24.39 5.77
CA ARG F 34 20.66 24.61 5.92
C ARG F 34 19.88 23.49 5.26
N LYS F 35 18.67 23.22 5.76
CA LYS F 35 17.83 22.18 5.19
C LYS F 35 16.63 22.80 4.50
N GLU F 36 16.25 22.21 3.37
CA GLU F 36 15.11 22.67 2.60
C GLU F 36 13.82 22.40 3.35
N SER F 37 12.87 23.32 3.24
CA SER F 37 11.58 23.18 3.93
C SER F 37 10.49 23.76 3.05
N TYR F 38 9.30 23.92 3.63
CA TYR F 38 8.18 24.55 2.94
C TYR F 38 7.45 25.51 3.86
N ALA F 39 7.99 25.75 5.05
CA ALA F 39 7.23 26.35 6.14
C ALA F 39 6.75 27.76 5.79
N ILE F 40 7.60 28.53 5.10
CA ILE F 40 7.26 29.91 4.80
C ILE F 40 6.07 29.98 3.87
N TYR F 41 6.00 29.08 2.90
CA TYR F 41 4.90 29.11 1.94
C TYR F 41 3.60 28.66 2.59
N VAL F 42 3.68 27.69 3.50
CA VAL F 42 2.51 27.30 4.26
C VAL F 42 2.01 28.46 5.10
N TYR F 43 2.93 29.21 5.70
CA TYR F 43 2.54 30.37 6.48
C TYR F 43 1.87 31.42 5.60
N LYS F 44 2.41 31.63 4.40
CA LYS F 44 1.86 32.62 3.50
C LYS F 44 0.46 32.24 3.05
N VAL F 45 0.24 30.98 2.68
CA VAL F 45 -1.08 30.60 2.23
C VAL F 45 -2.06 30.57 3.39
N LEU F 46 -1.58 30.28 4.61
CA LEU F 46 -2.44 30.36 5.77
C LEU F 46 -2.91 31.78 6.02
N LYS F 47 -1.96 32.73 5.98
CA LYS F 47 -2.32 34.13 6.16
C LYS F 47 -3.21 34.62 5.04
N GLN F 48 -3.10 34.03 3.86
CA GLN F 48 -4.05 34.36 2.80
C GLN F 48 -5.46 33.89 3.16
N VAL F 49 -5.59 32.64 3.59
CA VAL F 49 -6.95 32.16 3.82
C VAL F 49 -7.47 32.60 5.18
N HIS F 50 -6.63 32.63 6.21
CA HIS F 50 -7.05 33.05 7.53
C HIS F 50 -6.10 34.15 7.99
N PRO F 51 -6.57 35.40 8.12
CA PRO F 51 -5.62 36.49 8.32
C PRO F 51 -5.14 36.63 9.75
N ASP F 52 -5.85 36.05 10.71
CA ASP F 52 -5.54 36.33 12.11
C ASP F 52 -4.96 35.13 12.85
N THR F 53 -5.28 33.91 12.42
CA THR F 53 -4.91 32.76 13.23
C THR F 53 -3.45 32.41 13.03
N GLY F 54 -2.96 31.51 13.88
CA GLY F 54 -1.58 31.08 13.85
C GLY F 54 -1.48 29.57 13.79
N ILE F 55 -0.25 29.09 13.70
CA ILE F 55 0.00 27.66 13.59
C ILE F 55 1.25 27.32 14.39
N SER F 56 1.15 26.28 15.20
CA SER F 56 2.27 25.83 16.00
C SER F 56 3.37 25.27 15.12
N SER F 57 4.58 25.21 15.69
CA SER F 57 5.73 24.71 14.94
C SER F 57 5.59 23.23 14.64
N LYS F 58 5.05 22.46 15.58
CA LYS F 58 4.87 21.04 15.33
C LYS F 58 3.85 20.80 14.24
N ALA F 59 2.76 21.57 14.25
CA ALA F 59 1.78 21.47 13.16
C ALA F 59 2.39 21.93 11.85
N MET F 60 3.30 22.90 11.90
CA MET F 60 3.97 23.33 10.68
C MET F 60 4.83 22.20 10.11
N SER F 61 5.53 21.48 10.98
CA SER F 61 6.31 20.33 10.52
C SER F 61 5.40 19.25 9.95
N ILE F 62 4.24 19.07 10.56
CA ILE F 62 3.27 18.10 10.04
C ILE F 62 2.85 18.47 8.63
N MET F 63 2.48 19.74 8.43
CA MET F 63 2.06 20.20 7.11
C MET F 63 3.20 20.10 6.12
N ASN F 64 4.44 20.34 6.56
CA ASN F 64 5.58 20.23 5.67
C ASN F 64 5.75 18.79 5.20
N SER F 65 5.66 17.84 6.13
CA SER F 65 5.75 16.44 5.76
C SER F 65 4.61 16.04 4.84
N PHE F 66 3.42 16.59 5.07
CA PHE F 66 2.28 16.23 4.25
C PHE F 66 2.43 16.76 2.84
N VAL F 67 2.94 17.98 2.70
CA VAL F 67 3.21 18.54 1.38
C VAL F 67 4.23 17.69 0.66
N ASN F 68 5.31 17.32 1.36
CA ASN F 68 6.33 16.49 0.72
C ASN F 68 5.78 15.16 0.29
N ASP F 69 4.88 14.58 1.10
CA ASP F 69 4.30 13.29 0.75
C ASP F 69 3.42 13.39 -0.48
N VAL F 70 2.56 14.41 -0.53
CA VAL F 70 1.65 14.54 -1.67
C VAL F 70 2.44 14.82 -2.94
N PHE F 71 3.45 15.69 -2.85
CA PHE F 71 4.25 16.00 -4.01
C PHE F 71 5.04 14.79 -4.48
N GLU F 72 5.53 13.98 -3.53
CA GLU F 72 6.23 12.76 -3.90
C GLU F 72 5.31 11.80 -4.62
N ARG F 73 4.08 11.65 -4.12
CA ARG F 73 3.13 10.76 -4.78
C ARG F 73 2.81 11.24 -6.20
N ILE F 74 2.63 12.56 -6.36
CA ILE F 74 2.30 13.10 -7.67
C ILE F 74 3.46 12.93 -8.63
N ALA F 75 4.69 13.19 -8.18
CA ALA F 75 5.84 13.04 -9.04
C ALA F 75 6.06 11.60 -9.44
N GLY F 76 5.93 10.68 -8.49
CA GLY F 76 6.07 9.26 -8.82
C GLY F 76 5.02 8.80 -9.81
N GLU F 77 3.77 9.23 -9.61
CA GLU F 77 2.72 8.80 -10.51
C GLU F 77 2.89 9.39 -11.90
N ALA F 78 3.34 10.64 -11.98
CA ALA F 78 3.57 11.24 -13.28
C ALA F 78 4.72 10.55 -14.01
N SER F 79 5.78 10.22 -13.27
CA SER F 79 6.88 9.49 -13.90
C SER F 79 6.43 8.14 -14.41
N ARG F 80 5.61 7.44 -13.62
CA ARG F 80 5.10 6.14 -14.03
C ARG F 80 4.22 6.27 -15.26
N LEU F 81 3.42 7.32 -15.33
CA LEU F 81 2.54 7.51 -16.48
C LEU F 81 3.35 7.84 -17.73
N ALA F 82 4.37 8.68 -17.58
CA ALA F 82 5.21 9.01 -18.73
C ALA F 82 5.98 7.80 -19.21
N HIS F 83 6.40 6.92 -18.30
CA HIS F 83 7.05 5.69 -18.72
C HIS F 83 6.06 4.72 -19.36
N TYR F 84 4.79 4.81 -18.98
CA TYR F 84 3.78 3.96 -19.62
C TYR F 84 3.57 4.36 -21.07
N ASN F 85 3.38 5.67 -21.31
CA ASN F 85 3.03 6.14 -22.64
C ASN F 85 4.25 6.37 -23.52
N LYS F 86 5.41 5.85 -23.11
CA LYS F 86 6.64 5.86 -23.91
C LYS F 86 7.10 7.27 -24.25
N ARG F 87 6.74 8.24 -23.42
CA ARG F 87 7.22 9.60 -23.58
C ARG F 87 8.25 9.91 -22.50
N SER F 88 8.88 11.08 -22.62
CA SER F 88 10.00 11.43 -21.76
C SER F 88 9.93 12.85 -21.21
N THR F 89 8.88 13.60 -21.50
CA THR F 89 8.75 14.97 -21.04
C THR F 89 7.46 15.12 -20.26
N ILE F 90 7.57 15.25 -18.95
CA ILE F 90 6.41 15.42 -18.09
C ILE F 90 5.89 16.84 -18.26
N THR F 91 4.86 17.00 -19.06
CA THR F 91 4.22 18.29 -19.25
C THR F 91 3.08 18.44 -18.25
N SER F 92 2.23 19.43 -18.48
CA SER F 92 1.08 19.62 -17.61
C SER F 92 0.08 18.49 -17.73
N ARG F 93 0.07 17.77 -18.84
CA ARG F 93 -0.96 16.77 -19.08
C ARG F 93 -0.82 15.60 -18.11
N GLU F 94 0.40 15.08 -17.94
CA GLU F 94 0.58 13.95 -17.06
C GLU F 94 0.37 14.36 -15.61
N ILE F 95 0.73 15.58 -15.26
CA ILE F 95 0.45 16.05 -13.91
C ILE F 95 -1.04 16.12 -13.66
N GLN F 96 -1.79 16.66 -14.61
CA GLN F 96 -3.23 16.74 -14.49
C GLN F 96 -3.85 15.36 -14.35
N THR F 97 -3.35 14.40 -15.12
CA THR F 97 -3.84 13.04 -14.96
C THR F 97 -3.47 12.46 -13.61
N ALA F 98 -2.33 12.86 -13.06
CA ALA F 98 -1.95 12.35 -11.74
C ALA F 98 -2.90 12.87 -10.67
N VAL F 99 -3.29 14.13 -10.75
CA VAL F 99 -4.24 14.59 -9.73
C VAL F 99 -5.63 14.06 -9.99
N ARG F 100 -5.99 13.78 -11.23
CA ARG F 100 -7.26 13.11 -11.46
C ARG F 100 -7.22 11.66 -11.02
N LEU F 101 -6.02 11.10 -10.87
CA LEU F 101 -5.87 9.74 -10.38
C LEU F 101 -5.93 9.67 -8.87
N LEU F 102 -5.03 10.40 -8.19
CA LEU F 102 -4.84 10.22 -6.75
C LEU F 102 -6.03 10.73 -5.97
N LEU F 103 -6.34 12.00 -6.10
CA LEU F 103 -7.37 12.60 -5.29
C LEU F 103 -8.74 12.11 -5.72
N PRO F 104 -9.67 11.92 -4.79
CA PRO F 104 -11.02 11.50 -5.18
C PRO F 104 -11.82 12.62 -5.80
N GLY F 105 -13.07 12.34 -6.18
CA GLY F 105 -13.79 13.06 -7.21
C GLY F 105 -13.85 14.58 -7.20
N GLU F 106 -14.61 15.17 -6.28
CA GLU F 106 -14.86 16.60 -6.37
C GLU F 106 -13.64 17.39 -5.92
N LEU F 107 -12.84 16.80 -5.04
CA LEU F 107 -11.56 17.40 -4.71
C LEU F 107 -10.67 17.45 -5.94
N ALA F 108 -10.66 16.37 -6.72
CA ALA F 108 -9.89 16.37 -7.96
C ALA F 108 -10.45 17.37 -8.95
N LYS F 109 -11.78 17.57 -8.95
CA LYS F 109 -12.38 18.53 -9.87
C LYS F 109 -11.96 19.95 -9.53
N HIS F 110 -12.04 20.31 -8.25
CA HIS F 110 -11.56 21.62 -7.82
C HIS F 110 -10.08 21.77 -8.12
N ALA F 111 -9.31 20.70 -7.94
CA ALA F 111 -7.87 20.76 -8.16
C ALA F 111 -7.55 21.01 -9.62
N VAL F 112 -8.18 20.26 -10.53
CA VAL F 112 -7.89 20.44 -11.94
C VAL F 112 -8.40 21.80 -12.42
N SER F 113 -9.47 22.30 -11.82
CA SER F 113 -9.94 23.64 -12.16
C SER F 113 -8.90 24.69 -11.78
N GLU F 114 -8.39 24.62 -10.55
CA GLU F 114 -7.37 25.58 -10.13
C GLU F 114 -6.10 25.42 -10.93
N GLY F 115 -5.78 24.19 -11.35
CA GLY F 115 -4.59 23.98 -12.15
C GLY F 115 -4.70 24.62 -13.51
N THR F 116 -5.83 24.41 -14.19
CA THR F 116 -6.04 25.04 -15.48
C THR F 116 -6.07 26.56 -15.36
N LYS F 117 -6.68 27.07 -14.29
CA LYS F 117 -6.73 28.51 -14.09
C LYS F 117 -5.33 29.09 -13.92
N ALA F 118 -4.50 28.42 -13.11
CA ALA F 118 -3.16 28.91 -12.87
C ALA F 118 -2.30 28.83 -14.12
N VAL F 119 -2.42 27.74 -14.88
CA VAL F 119 -1.58 27.62 -16.07
C VAL F 119 -2.04 28.61 -17.15
N THR F 120 -3.32 28.95 -17.18
CA THR F 120 -3.76 29.96 -18.14
C THR F 120 -3.28 31.34 -17.73
N LYS F 121 -3.32 31.64 -16.43
CA LYS F 121 -2.78 32.91 -15.95
C LYS F 121 -1.29 33.01 -16.23
N TYR F 122 -0.58 31.89 -16.14
CA TYR F 122 0.85 31.88 -16.45
C TYR F 122 1.07 32.13 -17.93
N THR F 123 0.38 31.39 -18.79
CA THR F 123 0.62 31.48 -20.22
C THR F 123 0.17 32.82 -20.79
N SER F 124 -0.95 33.36 -20.31
CA SER F 124 -1.47 34.63 -20.81
C SER F 124 -0.83 35.80 -20.08
N ALA F 125 0.50 35.88 -20.16
CA ALA F 125 1.26 36.93 -19.49
C ALA F 125 2.36 37.38 -20.43
N LYS F 126 3.32 38.13 -19.88
CA LYS F 126 4.46 38.60 -20.66
C LYS F 126 5.38 37.43 -21.01
N HIS G 40 -21.39 5.36 49.14
CA HIS G 40 -21.58 5.77 47.74
C HIS G 40 -20.63 5.04 46.81
N ARG G 41 -21.14 4.62 45.66
CA ARG G 41 -20.32 3.95 44.66
C ARG G 41 -20.98 4.11 43.31
N TYR G 42 -20.14 4.24 42.27
CA TYR G 42 -20.65 4.36 40.91
C TYR G 42 -21.26 3.04 40.45
N ARG G 43 -22.08 3.13 39.41
CA ARG G 43 -22.52 1.92 38.75
C ARG G 43 -21.37 1.35 37.93
N PRO G 44 -21.22 0.02 37.89
CA PRO G 44 -20.09 -0.58 37.17
C PRO G 44 -20.21 -0.34 35.67
N GLY G 45 -19.27 0.44 35.13
CA GLY G 45 -19.26 0.82 33.73
C GLY G 45 -19.33 2.31 33.49
N THR G 46 -19.92 3.05 34.43
CA THR G 46 -19.98 4.49 34.29
C THR G 46 -18.60 5.11 34.38
N VAL G 47 -17.75 4.58 35.26
CA VAL G 47 -16.37 5.02 35.34
C VAL G 47 -15.64 4.71 34.05
N ALA G 48 -15.98 3.59 33.42
CA ALA G 48 -15.38 3.24 32.14
C ALA G 48 -15.73 4.28 31.08
N LEU G 49 -16.98 4.73 31.04
CA LEU G 49 -17.36 5.71 30.04
C LEU G 49 -16.75 7.07 30.35
N ARG G 50 -16.62 7.41 31.63
CA ARG G 50 -15.87 8.60 32.01
C ARG G 50 -14.45 8.54 31.47
N GLU G 51 -13.79 7.40 31.64
CA GLU G 51 -12.43 7.27 31.13
C GLU G 51 -12.41 7.24 29.62
N ILE G 52 -13.48 6.76 28.99
CA ILE G 52 -13.59 6.83 27.54
C ILE G 52 -13.52 8.26 27.08
N ARG G 53 -14.39 9.12 27.65
CA ARG G 53 -14.38 10.53 27.29
C ARG G 53 -13.03 11.16 27.57
N ARG G 54 -12.45 10.85 28.73
CA ARG G 54 -11.19 11.45 29.13
C ARG G 54 -10.07 11.10 28.18
N TYR G 55 -9.78 9.81 28.03
CA TYR G 55 -8.68 9.38 27.19
C TYR G 55 -8.99 9.46 25.71
N GLN G 56 -10.19 9.86 25.32
CA GLN G 56 -10.41 10.17 23.92
C GLN G 56 -10.21 11.64 23.61
N LYS G 57 -10.63 12.53 24.51
CA LYS G 57 -10.42 13.93 24.20
C LYS G 57 -9.02 14.42 24.54
N SER G 58 -8.18 13.58 25.14
CA SER G 58 -6.81 13.97 25.41
C SER G 58 -5.96 13.74 24.17
N THR G 59 -4.67 14.05 24.28
CA THR G 59 -3.78 13.87 23.16
C THR G 59 -2.44 13.24 23.55
N GLU G 60 -2.07 13.34 24.81
CA GLU G 60 -0.73 12.96 25.22
C GLU G 60 -0.56 11.45 25.20
N LEU G 61 0.71 11.03 25.25
CA LEU G 61 1.04 9.63 25.04
C LEU G 61 0.54 8.76 26.18
N LEU G 62 0.48 7.45 25.95
CA LEU G 62 -0.26 6.58 26.84
C LEU G 62 0.55 5.42 27.39
N ILE G 63 1.81 5.27 27.02
CA ILE G 63 2.66 4.22 27.58
C ILE G 63 3.83 4.88 28.26
N ARG G 64 4.26 4.29 29.38
CA ARG G 64 5.39 4.81 30.13
C ARG G 64 6.65 4.81 29.27
N LYS G 65 7.31 5.96 29.21
CA LYS G 65 8.34 6.19 28.21
C LYS G 65 9.54 5.26 28.40
N LEU G 66 10.06 5.19 29.62
CA LEU G 66 11.27 4.41 29.87
C LEU G 66 11.09 2.91 29.68
N PRO G 67 9.99 2.28 30.16
CA PRO G 67 9.83 0.85 29.86
C PRO G 67 9.68 0.58 28.37
N PHE G 68 8.96 1.43 27.67
CA PHE G 68 8.81 1.23 26.22
C PHE G 68 10.15 1.38 25.52
N GLN G 69 10.98 2.32 25.96
CA GLN G 69 12.29 2.48 25.35
C GLN G 69 13.18 1.27 25.64
N ARG G 70 13.10 0.75 26.86
CA ARG G 70 13.84 -0.47 27.19
C ARG G 70 13.40 -1.63 26.32
N LEU G 71 12.10 -1.74 26.08
CA LEU G 71 11.57 -2.82 25.24
C LEU G 71 12.02 -2.65 23.80
N VAL G 72 12.03 -1.41 23.30
CA VAL G 72 12.48 -1.16 21.94
C VAL G 72 13.94 -1.57 21.79
N ARG G 73 14.77 -1.23 22.78
CA ARG G 73 16.17 -1.62 22.70
C ARG G 73 16.33 -3.12 22.80
N GLU G 74 15.49 -3.78 23.61
CA GLU G 74 15.57 -5.23 23.73
C GLU G 74 15.24 -5.92 22.42
N ILE G 75 14.21 -5.43 21.73
CA ILE G 75 13.91 -5.99 20.41
C ILE G 75 15.01 -5.61 19.42
N ALA G 76 15.64 -4.46 19.60
CA ALA G 76 16.70 -4.07 18.69
C ALA G 76 17.97 -4.86 18.91
N GLN G 77 18.08 -5.58 20.03
CA GLN G 77 19.32 -6.31 20.32
C GLN G 77 19.60 -7.39 19.29
N ASP G 78 18.68 -8.34 19.13
CA ASP G 78 18.96 -9.53 18.33
C ASP G 78 19.14 -9.22 16.85
N PHE G 79 18.58 -8.11 16.36
CA PHE G 79 18.75 -7.77 14.96
C PHE G 79 20.15 -7.30 14.67
N LYS G 80 20.74 -6.51 15.56
CA LYS G 80 22.12 -6.09 15.46
C LYS G 80 22.56 -5.60 16.82
N THR G 81 23.79 -5.93 17.19
CA THR G 81 24.30 -5.56 18.51
C THR G 81 24.94 -4.18 18.47
N ASP G 82 25.08 -3.59 19.65
CA ASP G 82 25.67 -2.27 19.86
C ASP G 82 24.94 -1.20 19.05
N LEU G 83 23.66 -1.03 19.38
CA LEU G 83 22.82 -0.03 18.74
C LEU G 83 22.48 1.09 19.71
N ARG G 84 22.50 2.31 19.20
CA ARG G 84 22.09 3.48 19.94
C ARG G 84 20.87 4.08 19.26
N PHE G 85 20.17 4.94 19.99
CA PHE G 85 18.90 5.44 19.51
C PHE G 85 18.78 6.93 19.76
N GLN G 86 18.37 7.68 18.75
CA GLN G 86 17.94 9.05 18.99
C GLN G 86 16.65 9.04 19.79
N SER G 87 16.53 9.98 20.73
CA SER G 87 15.32 10.06 21.54
C SER G 87 14.11 10.38 20.68
N SER G 88 14.28 11.18 19.63
CA SER G 88 13.20 11.44 18.71
C SER G 88 12.76 10.17 17.99
N ALA G 89 13.71 9.26 17.73
CA ALA G 89 13.36 8.03 17.04
C ALA G 89 12.48 7.15 17.91
N VAL G 90 12.82 6.99 19.18
CA VAL G 90 12.00 6.21 20.08
C VAL G 90 10.66 6.88 20.30
N MET G 91 10.65 8.22 20.32
CA MET G 91 9.38 8.95 20.39
C MET G 91 8.48 8.62 19.20
N ALA G 92 9.06 8.61 18.01
CA ALA G 92 8.26 8.32 16.81
C ALA G 92 7.79 6.89 16.79
N LEU G 93 8.63 5.96 17.26
CA LEU G 93 8.19 4.58 17.38
C LEU G 93 7.03 4.45 18.34
N GLN G 94 7.07 5.20 19.44
CA GLN G 94 5.96 5.18 20.39
C GLN G 94 4.69 5.71 19.76
N GLU G 95 4.82 6.77 18.96
CA GLU G 95 3.66 7.33 18.29
C GLU G 95 3.03 6.32 17.34
N ALA G 96 3.84 5.71 16.50
CA ALA G 96 3.30 4.75 15.54
C ALA G 96 2.74 3.52 16.24
N SER G 97 3.39 3.11 17.33
CA SER G 97 2.92 1.98 18.11
C SER G 97 1.55 2.22 18.70
N GLU G 98 1.39 3.34 19.39
CA GLU G 98 0.09 3.64 19.98
C GLU G 98 -0.97 3.84 18.90
N ALA G 99 -0.59 4.39 17.75
CA ALA G 99 -1.56 4.57 16.68
C ALA G 99 -2.07 3.22 16.17
N TYR G 100 -1.14 2.29 15.92
CA TYR G 100 -1.53 0.98 15.41
C TYR G 100 -2.35 0.23 16.44
N LEU G 101 -1.98 0.32 17.72
CA LEU G 101 -2.75 -0.38 18.74
C LEU G 101 -4.14 0.23 18.92
N VAL G 102 -4.25 1.55 18.82
CA VAL G 102 -5.57 2.17 18.93
C VAL G 102 -6.46 1.75 17.78
N ALA G 103 -5.91 1.71 16.56
CA ALA G 103 -6.71 1.26 15.43
C ALA G 103 -7.14 -0.19 15.60
N LEU G 104 -6.23 -1.04 16.07
CA LEU G 104 -6.57 -2.44 16.29
C LEU G 104 -7.66 -2.59 17.33
N PHE G 105 -7.56 -1.83 18.43
CA PHE G 105 -8.55 -1.95 19.50
C PHE G 105 -9.92 -1.45 19.05
N GLU G 106 -9.96 -0.33 18.33
CA GLU G 106 -11.23 0.16 17.80
C GLU G 106 -11.86 -0.85 16.86
N ASP G 107 -11.03 -1.49 16.02
CA ASP G 107 -11.59 -2.44 15.08
C ASP G 107 -12.08 -3.70 15.79
N THR G 108 -11.37 -4.14 16.83
CA THR G 108 -11.84 -5.28 17.59
C THR G 108 -13.11 -4.94 18.35
N ASN G 109 -13.25 -3.70 18.79
CA ASN G 109 -14.50 -3.30 19.43
C ASN G 109 -15.64 -3.35 18.44
N LEU G 110 -15.39 -2.93 17.20
CA LEU G 110 -16.40 -3.09 16.16
C LEU G 110 -16.77 -4.56 15.97
N CYS G 111 -15.77 -5.43 15.94
CA CYS G 111 -16.03 -6.86 15.79
C CYS G 111 -16.88 -7.40 16.94
N ALA G 112 -16.52 -7.06 18.17
CA ALA G 112 -17.21 -7.60 19.33
C ALA G 112 -18.63 -7.06 19.43
N ILE G 113 -18.82 -5.77 19.12
CA ILE G 113 -20.17 -5.22 19.17
C ILE G 113 -21.00 -5.79 18.03
N HIS G 114 -20.36 -6.27 16.96
CA HIS G 114 -21.11 -7.04 16.00
C HIS G 114 -21.45 -8.43 16.55
N ALA G 115 -20.58 -8.97 17.39
CA ALA G 115 -20.75 -10.33 17.89
C ALA G 115 -21.74 -10.43 19.05
N LYS G 116 -22.54 -9.39 19.28
CA LYS G 116 -23.57 -9.37 20.33
C LYS G 116 -22.98 -9.57 21.72
N ARG G 117 -21.79 -9.04 21.97
CA ARG G 117 -21.19 -9.02 23.29
C ARG G 117 -20.83 -7.59 23.64
N VAL G 118 -20.25 -7.42 24.82
CA VAL G 118 -19.65 -6.14 25.19
C VAL G 118 -18.17 -6.28 25.53
N THR G 119 -17.74 -7.41 26.07
CA THR G 119 -16.35 -7.65 26.45
C THR G 119 -15.57 -8.14 25.24
N ILE G 120 -14.43 -7.51 24.98
CA ILE G 120 -13.58 -8.03 23.92
C ILE G 120 -12.91 -9.31 24.40
N MET G 121 -12.35 -10.05 23.44
CA MET G 121 -11.79 -11.36 23.71
C MET G 121 -10.67 -11.61 22.70
N PRO G 122 -9.68 -12.43 23.05
CA PRO G 122 -8.51 -12.58 22.16
C PRO G 122 -8.84 -13.11 20.79
N LYS G 123 -9.89 -13.91 20.66
CA LYS G 123 -10.28 -14.36 19.34
C LYS G 123 -10.83 -13.22 18.50
N ASP G 124 -11.37 -12.17 19.11
CA ASP G 124 -11.74 -10.99 18.34
C ASP G 124 -10.52 -10.31 17.75
N ILE G 125 -9.45 -10.21 18.54
CA ILE G 125 -8.22 -9.62 18.04
C ILE G 125 -7.65 -10.45 16.91
N GLN G 126 -7.63 -11.77 17.08
CA GLN G 126 -7.12 -12.64 16.04
C GLN G 126 -7.98 -12.55 14.79
N LEU G 127 -9.28 -12.42 14.95
CA LEU G 127 -10.17 -12.28 13.80
C LEU G 127 -9.90 -10.98 13.07
N ALA G 128 -9.76 -9.88 13.81
CA ALA G 128 -9.54 -8.59 13.17
C ALA G 128 -8.22 -8.55 12.43
N ARG G 129 -7.18 -9.13 13.03
CA ARG G 129 -5.90 -9.17 12.34
C ARG G 129 -5.97 -10.09 11.12
N ARG G 130 -6.72 -11.19 11.21
CA ARG G 130 -6.85 -12.06 10.06
C ARG G 130 -7.61 -11.40 8.93
N ILE G 131 -8.58 -10.53 9.26
CA ILE G 131 -9.30 -9.81 8.23
C ILE G 131 -8.41 -8.77 7.58
N ARG G 132 -7.67 -8.02 8.41
CA ARG G 132 -6.91 -6.89 7.90
C ARG G 132 -5.83 -7.31 6.92
N GLY G 133 -5.19 -8.45 7.17
CA GLY G 133 -4.13 -8.94 6.33
C GLY G 133 -2.94 -9.48 7.09
N GLU G 134 -2.75 -9.05 8.34
CA GLU G 134 -1.70 -9.61 9.15
C GLU G 134 -2.05 -11.03 9.55
N ARG G 135 -1.06 -11.75 10.08
CA ARG G 135 -1.28 -13.10 10.53
C ARG G 135 -0.18 -13.50 11.51
N ALA G 136 -0.34 -14.68 12.09
CA ALA G 136 0.63 -15.23 13.03
C ALA G 136 0.53 -16.76 13.07
N ARG H 18 31.67 -1.30 25.11
CA ARG H 18 31.48 -1.31 26.55
C ARG H 18 30.01 -1.49 26.90
N HIS H 19 29.26 -2.14 26.01
CA HIS H 19 27.83 -2.29 26.20
C HIS H 19 27.54 -3.30 27.30
N ARG H 20 26.52 -3.00 28.09
CA ARG H 20 26.10 -3.88 29.18
C ARG H 20 24.59 -4.08 29.12
N LYS H 21 24.03 -4.70 30.16
CA LYS H 21 22.58 -4.80 30.38
C LYS H 21 21.90 -5.52 29.21
N VAL H 22 22.20 -6.82 29.10
CA VAL H 22 21.44 -7.66 28.18
C VAL H 22 20.01 -7.73 28.68
N LEU H 23 19.09 -7.15 27.91
CA LEU H 23 17.74 -6.89 28.39
C LEU H 23 16.87 -8.14 28.35
N ARG H 24 15.90 -8.19 29.27
CA ARG H 24 15.00 -9.30 29.47
C ARG H 24 13.82 -8.80 30.29
N ASP H 25 12.66 -9.44 30.08
CA ASP H 25 11.42 -9.20 30.83
C ASP H 25 10.82 -7.82 30.56
N ASN H 26 11.37 -7.08 29.60
CA ASN H 26 10.82 -5.77 29.28
C ASN H 26 9.52 -5.86 28.50
N ILE H 27 9.16 -7.05 28.01
CA ILE H 27 7.85 -7.23 27.39
C ILE H 27 6.74 -7.01 28.40
N GLN H 28 7.03 -7.25 29.68
CA GLN H 28 6.11 -6.87 30.75
C GLN H 28 6.09 -5.38 31.01
N GLY H 29 6.91 -4.60 30.31
CA GLY H 29 6.88 -3.16 30.49
C GLY H 29 5.55 -2.56 30.09
N ILE H 30 4.93 -3.11 29.05
CA ILE H 30 3.62 -2.65 28.65
C ILE H 30 2.64 -3.26 29.65
N THR H 31 2.39 -2.55 30.73
CA THR H 31 1.68 -3.14 31.84
C THR H 31 0.18 -3.15 31.58
N LYS H 32 -0.54 -3.83 32.47
CA LYS H 32 -1.98 -4.02 32.28
C LYS H 32 -2.78 -2.72 32.34
N PRO H 33 -2.55 -1.78 33.26
CA PRO H 33 -3.27 -0.51 33.16
C PRO H 33 -2.91 0.29 31.92
N ALA H 34 -1.71 0.10 31.38
CA ALA H 34 -1.34 0.82 30.17
C ALA H 34 -2.19 0.37 28.99
N ILE H 35 -2.29 -0.94 28.79
CA ILE H 35 -3.13 -1.45 27.71
C ILE H 35 -4.59 -1.14 27.98
N ARG H 36 -4.98 -1.14 29.26
CA ARG H 36 -6.32 -0.72 29.62
C ARG H 36 -6.57 0.70 29.15
N ARG H 37 -5.62 1.60 29.38
CA ARG H 37 -5.78 2.99 28.97
C ARG H 37 -5.81 3.12 27.45
N LEU H 38 -5.00 2.32 26.76
CA LEU H 38 -5.01 2.33 25.30
C LEU H 38 -6.39 1.96 24.78
N ALA H 39 -6.94 0.86 25.29
CA ALA H 39 -8.25 0.45 24.81
C ALA H 39 -9.35 1.41 25.24
N ARG H 40 -9.16 2.08 26.38
CA ARG H 40 -10.09 3.12 26.78
C ARG H 40 -10.08 4.25 25.77
N ARG H 41 -8.90 4.62 25.28
CA ARG H 41 -8.86 5.57 24.18
C ARG H 41 -9.48 4.97 22.94
N GLY H 42 -9.25 3.67 22.71
CA GLY H 42 -9.73 3.03 21.50
C GLY H 42 -11.22 2.92 21.40
N GLY H 43 -11.95 3.17 22.48
CA GLY H 43 -13.40 3.03 22.44
C GLY H 43 -13.90 1.68 22.89
N VAL H 44 -13.19 1.03 23.78
CA VAL H 44 -13.58 -0.28 24.31
C VAL H 44 -14.16 -0.07 25.70
N LYS H 45 -15.28 -0.72 25.97
CA LYS H 45 -15.93 -0.55 27.27
C LYS H 45 -15.35 -1.48 28.31
N ARG H 46 -15.43 -2.79 28.07
CA ARG H 46 -15.04 -3.78 29.06
C ARG H 46 -14.16 -4.83 28.41
N ILE H 47 -13.19 -5.35 29.16
CA ILE H 47 -12.09 -6.13 28.62
C ILE H 47 -11.94 -7.42 29.40
N SER H 48 -11.92 -8.55 28.70
CA SER H 48 -11.63 -9.82 29.35
C SER H 48 -10.13 -9.93 29.62
N GLY H 49 -9.81 -10.65 30.70
CA GLY H 49 -8.45 -10.62 31.24
C GLY H 49 -7.40 -11.29 30.38
N LEU H 50 -7.81 -12.06 29.37
CA LEU H 50 -6.85 -12.75 28.54
C LEU H 50 -6.32 -11.90 27.40
N ILE H 51 -6.71 -10.63 27.34
CA ILE H 51 -6.30 -9.79 26.22
C ILE H 51 -4.81 -9.46 26.32
N TYR H 52 -4.33 -9.22 27.54
CA TYR H 52 -3.03 -8.59 27.76
C TYR H 52 -1.90 -9.38 27.11
N GLU H 53 -1.95 -10.70 27.17
CA GLU H 53 -0.90 -11.50 26.56
C GLU H 53 -0.92 -11.35 25.05
N GLU H 54 -2.10 -11.38 24.44
CA GLU H 54 -2.15 -11.34 22.98
C GLU H 54 -1.81 -9.95 22.45
N THR H 55 -2.19 -8.91 23.18
CA THR H 55 -1.80 -7.58 22.71
C THR H 55 -0.33 -7.34 22.94
N ARG H 56 0.25 -7.93 23.98
CA ARG H 56 1.71 -7.90 24.12
C ARG H 56 2.36 -8.59 22.94
N GLY H 57 1.79 -9.69 22.49
CA GLY H 57 2.34 -10.40 21.34
C GLY H 57 2.26 -9.58 20.07
N VAL H 58 1.12 -8.93 19.81
CA VAL H 58 0.99 -8.18 18.57
C VAL H 58 1.86 -6.93 18.62
N LEU H 59 2.01 -6.33 19.79
CA LEU H 59 2.92 -5.21 19.91
C LEU H 59 4.36 -5.65 19.65
N LYS H 60 4.70 -6.84 20.15
CA LYS H 60 6.03 -7.39 19.93
C LYS H 60 6.30 -7.57 18.44
N VAL H 61 5.35 -8.18 17.72
CA VAL H 61 5.61 -8.46 16.32
C VAL H 61 5.62 -7.19 15.48
N PHE H 62 4.79 -6.20 15.84
CA PHE H 62 4.77 -4.95 15.11
C PHE H 62 6.10 -4.21 15.29
N LEU H 63 6.56 -4.14 16.53
CA LEU H 63 7.85 -3.50 16.77
C LEU H 63 8.98 -4.28 16.13
N GLU H 64 8.86 -5.62 16.06
CA GLU H 64 9.88 -6.41 15.39
C GLU H 64 10.01 -6.01 13.93
N ASN H 65 8.88 -5.94 13.21
CA ASN H 65 8.95 -5.61 11.79
C ASN H 65 9.47 -4.20 11.57
N VAL H 66 8.95 -3.24 12.34
CA VAL H 66 9.34 -1.85 12.09
C VAL H 66 10.81 -1.63 12.45
N ILE H 67 11.25 -2.16 13.59
CA ILE H 67 12.63 -2.00 13.99
C ILE H 67 13.55 -2.72 13.03
N ARG H 68 13.13 -3.87 12.49
CA ARG H 68 13.96 -4.56 11.51
C ARG H 68 14.19 -3.69 10.28
N ASP H 69 13.12 -3.09 9.77
CA ASP H 69 13.29 -2.27 8.57
C ASP H 69 14.14 -1.02 8.87
N ALA H 70 13.92 -0.41 10.03
CA ALA H 70 14.71 0.77 10.36
C ALA H 70 16.18 0.44 10.57
N VAL H 71 16.46 -0.72 11.17
CA VAL H 71 17.85 -1.14 11.36
C VAL H 71 18.52 -1.42 10.03
N THR H 72 17.80 -2.03 9.09
CA THR H 72 18.38 -2.25 7.77
C THR H 72 18.70 -0.93 7.09
N TYR H 73 17.80 0.05 7.22
CA TYR H 73 18.08 1.39 6.71
C TYR H 73 19.36 1.96 7.30
N THR H 74 19.41 2.05 8.64
CA THR H 74 20.54 2.77 9.24
C THR H 74 21.83 1.97 9.12
N GLU H 75 21.74 0.66 8.93
CA GLU H 75 22.94 -0.09 8.64
C GLU H 75 23.39 0.16 7.21
N HIS H 76 22.46 0.43 6.32
CA HIS H 76 22.86 0.77 4.96
C HIS H 76 23.59 2.10 4.92
N ALA H 77 23.20 3.05 5.74
CA ALA H 77 23.88 4.33 5.79
C ALA H 77 25.17 4.28 6.58
N LYS H 78 25.58 3.10 7.05
CA LYS H 78 26.80 2.89 7.82
C LYS H 78 26.82 3.77 9.08
N ARG H 79 25.86 3.50 9.96
CA ARG H 79 25.73 4.25 11.20
C ARG H 79 25.50 3.27 12.33
N LYS H 80 26.01 3.61 13.51
CA LYS H 80 25.85 2.78 14.68
C LYS H 80 24.67 3.21 15.54
N THR H 81 23.83 4.13 15.03
CA THR H 81 22.63 4.54 15.74
C THR H 81 21.51 4.71 14.72
N VAL H 82 20.27 4.73 15.23
CA VAL H 82 19.08 4.75 14.39
C VAL H 82 18.45 6.12 14.53
N THR H 83 18.49 6.91 13.48
CA THR H 83 17.89 8.22 13.57
C THR H 83 16.38 8.12 13.38
N ALA H 84 15.69 9.22 13.65
CA ALA H 84 14.24 9.23 13.57
C ALA H 84 13.78 9.15 12.13
N MET H 85 14.51 9.79 11.21
CA MET H 85 14.13 9.78 9.81
C MET H 85 14.09 8.36 9.25
N ASP H 86 14.96 7.49 9.74
CA ASP H 86 14.95 6.12 9.25
C ASP H 86 13.75 5.34 9.77
N VAL H 87 13.34 5.62 11.01
CA VAL H 87 12.12 4.98 11.53
C VAL H 87 10.92 5.46 10.73
N VAL H 88 10.88 6.74 10.39
CA VAL H 88 9.78 7.26 9.57
C VAL H 88 9.79 6.60 8.21
N TYR H 89 10.97 6.39 7.63
CA TYR H 89 11.03 5.72 6.34
C TYR H 89 10.54 4.28 6.44
N ALA H 90 10.92 3.58 7.50
CA ALA H 90 10.48 2.21 7.68
C ALA H 90 8.97 2.14 7.81
N LEU H 91 8.39 3.09 8.54
CA LEU H 91 6.93 3.12 8.66
C LEU H 91 6.28 3.50 7.34
N LYS H 92 6.97 4.27 6.52
CA LYS H 92 6.42 4.58 5.19
C LYS H 92 6.38 3.34 4.33
N ARG H 93 7.42 2.52 4.38
CA ARG H 93 7.46 1.34 3.53
C ARG H 93 6.48 0.27 3.99
N GLN H 94 5.89 0.41 5.17
CA GLN H 94 4.92 -0.55 5.67
C GLN H 94 3.50 -0.03 5.56
N GLY H 95 3.26 0.99 4.75
CA GLY H 95 1.92 1.52 4.57
C GLY H 95 1.37 2.28 5.75
N ARG H 96 2.16 2.48 6.80
CA ARG H 96 1.70 3.19 7.98
C ARG H 96 2.54 4.43 8.18
N THR H 97 2.71 5.22 7.12
CA THR H 97 3.53 6.41 7.17
C THR H 97 3.03 7.38 8.23
N LEU H 98 3.95 8.14 8.78
CA LEU H 98 3.68 8.97 9.95
C LEU H 98 4.30 10.33 9.74
N TYR H 99 3.50 11.37 9.88
CA TYR H 99 4.00 12.72 9.72
C TYR H 99 4.54 13.24 11.05
N GLY H 100 5.12 14.44 11.01
CA GLY H 100 5.47 15.18 12.19
C GLY H 100 6.96 15.22 12.48
N PHE H 101 7.71 14.21 12.05
CA PHE H 101 9.10 14.12 12.49
C PHE H 101 10.10 14.39 11.37
N GLY H 102 10.08 13.61 10.29
CA GLY H 102 11.10 13.81 9.29
C GLY H 102 10.58 13.93 7.88
N GLY H 103 9.37 13.46 7.63
CA GLY H 103 8.85 13.43 6.29
C GLY H 103 8.06 12.16 5.98
N ALA I 17 33.61 -11.02 -26.57
CA ALA I 17 32.51 -11.93 -26.89
C ALA I 17 32.34 -12.96 -25.78
N VAL I 18 32.49 -12.51 -24.54
CA VAL I 18 32.51 -13.43 -23.41
C VAL I 18 31.13 -13.60 -22.78
N SER I 19 30.17 -12.73 -23.11
CA SER I 19 28.77 -12.86 -22.71
C SER I 19 28.62 -12.86 -21.18
N ARG I 20 28.80 -11.65 -20.63
CA ARG I 20 28.88 -11.34 -19.20
C ARG I 20 27.92 -12.11 -18.31
N SER I 21 26.73 -12.41 -18.82
CA SER I 21 25.81 -13.29 -18.12
C SER I 21 26.46 -14.61 -17.77
N GLN I 22 27.20 -15.21 -18.69
CA GLN I 22 27.90 -16.45 -18.38
C GLN I 22 29.11 -16.18 -17.50
N ARG I 23 29.66 -14.97 -17.55
CA ARG I 23 30.75 -14.63 -16.65
C ARG I 23 30.26 -14.59 -15.22
N ALA I 24 29.01 -14.22 -15.02
CA ALA I 24 28.37 -14.39 -13.73
C ALA I 24 27.87 -15.81 -13.51
N GLY I 25 27.94 -16.65 -14.54
CA GLY I 25 27.35 -17.98 -14.44
C GLY I 25 25.85 -17.95 -14.28
N LEU I 26 25.20 -16.95 -14.86
CA LEU I 26 23.76 -16.77 -14.71
C LEU I 26 23.08 -16.85 -16.07
N GLN I 27 21.78 -17.01 -16.03
CA GLN I 27 20.99 -17.12 -17.25
C GLN I 27 20.39 -15.78 -17.70
N PHE I 28 20.18 -14.87 -16.79
CA PHE I 28 19.42 -13.67 -17.09
C PHE I 28 20.26 -12.67 -17.89
N PRO I 29 19.64 -11.93 -18.81
CA PRO I 29 20.41 -11.07 -19.70
C PRO I 29 20.94 -9.83 -19.02
N VAL I 30 22.12 -9.96 -18.40
CA VAL I 30 22.62 -8.93 -17.50
C VAL I 30 22.82 -7.59 -18.22
N GLY I 31 23.03 -7.61 -19.54
CA GLY I 31 23.07 -6.35 -20.27
C GLY I 31 21.70 -5.71 -20.36
N ARG I 32 20.66 -6.51 -20.59
CA ARG I 32 19.31 -5.98 -20.63
C ARG I 32 18.88 -5.47 -19.28
N ILE I 33 19.18 -6.21 -18.21
CA ILE I 33 18.90 -5.72 -16.87
C ILE I 33 19.69 -4.45 -16.60
N HIS I 34 20.88 -4.34 -17.17
CA HIS I 34 21.69 -3.14 -16.96
C HIS I 34 21.04 -1.93 -17.60
N ARG I 35 20.65 -2.05 -18.87
CA ARG I 35 20.01 -0.91 -19.50
C ARG I 35 18.61 -0.65 -18.96
N HIS I 36 17.99 -1.65 -18.35
CA HIS I 36 16.72 -1.42 -17.67
C HIS I 36 16.93 -0.59 -16.41
N LEU I 37 17.90 -0.99 -15.59
CA LEU I 37 18.21 -0.24 -14.37
C LEU I 37 18.77 1.13 -14.70
N LYS I 38 19.33 1.28 -15.90
CA LYS I 38 19.90 2.56 -16.31
C LYS I 38 18.84 3.65 -16.39
N SER I 39 17.60 3.28 -16.71
CA SER I 39 16.58 4.31 -16.88
C SER I 39 15.86 4.65 -15.59
N ARG I 40 15.41 3.66 -14.82
CA ARG I 40 14.64 3.93 -13.61
C ARG I 40 15.55 4.37 -12.47
N THR I 41 16.00 5.63 -12.57
CA THR I 41 16.87 6.21 -11.56
C THR I 41 16.42 7.65 -11.29
N THR I 42 17.25 8.37 -10.53
CA THR I 42 17.05 9.78 -10.26
C THR I 42 17.55 10.61 -11.43
N SER I 43 17.75 11.91 -11.20
CA SER I 43 18.07 12.86 -12.27
C SER I 43 19.32 12.49 -13.07
N HIS I 44 20.49 12.51 -12.45
CA HIS I 44 21.66 11.95 -13.10
C HIS I 44 22.02 10.60 -12.50
N GLY I 45 21.15 9.62 -12.65
CA GLY I 45 21.35 8.34 -12.00
C GLY I 45 22.34 7.48 -12.76
N ARG I 46 23.29 6.90 -12.06
CA ARG I 46 24.23 5.94 -12.64
C ARG I 46 24.06 4.61 -11.93
N VAL I 47 24.24 3.52 -12.66
CA VAL I 47 24.17 2.17 -12.10
C VAL I 47 25.55 1.55 -12.20
N GLY I 48 25.86 0.67 -11.25
CA GLY I 48 27.13 -0.02 -11.27
C GLY I 48 26.99 -1.39 -11.91
N ALA I 49 27.98 -1.76 -12.72
CA ALA I 49 27.99 -3.06 -13.36
C ALA I 49 27.94 -4.21 -12.38
N THR I 50 28.48 -4.02 -11.17
CA THR I 50 28.35 -5.00 -10.13
C THR I 50 26.93 -5.14 -9.61
N ALA I 51 26.08 -4.14 -9.82
CA ALA I 51 24.71 -4.25 -9.32
C ALA I 51 23.83 -5.04 -10.27
N ALA I 52 24.12 -4.98 -11.56
CA ALA I 52 23.28 -5.67 -12.53
C ALA I 52 23.35 -7.17 -12.34
N VAL I 53 24.55 -7.70 -12.09
CA VAL I 53 24.66 -9.14 -11.84
C VAL I 53 23.96 -9.49 -10.54
N TYR I 54 23.90 -8.57 -9.59
CA TYR I 54 23.25 -8.88 -8.32
C TYR I 54 21.75 -8.98 -8.51
N SER I 55 21.17 -8.01 -9.21
CA SER I 55 19.74 -8.06 -9.49
C SER I 55 19.40 -9.27 -10.34
N ALA I 56 20.28 -9.61 -11.28
CA ALA I 56 20.06 -10.79 -12.11
C ALA I 56 20.04 -12.06 -11.26
N ALA I 57 20.95 -12.16 -10.31
CA ALA I 57 20.98 -13.33 -9.44
C ALA I 57 19.73 -13.37 -8.57
N ILE I 58 19.27 -12.21 -8.11
CA ILE I 58 18.06 -12.17 -7.29
C ILE I 58 16.88 -12.71 -8.08
N LEU I 59 16.71 -12.21 -9.31
CA LEU I 59 15.61 -12.66 -10.15
C LEU I 59 15.73 -14.14 -10.46
N GLU I 60 16.95 -14.62 -10.71
CA GLU I 60 17.13 -16.02 -11.05
C GLU I 60 16.78 -16.91 -9.87
N TYR I 61 17.17 -16.52 -8.67
CA TYR I 61 16.84 -17.33 -7.50
C TYR I 61 15.34 -17.34 -7.24
N LEU I 62 14.69 -16.19 -7.39
CA LEU I 62 13.26 -16.14 -7.12
C LEU I 62 12.48 -16.96 -8.13
N THR I 63 12.82 -16.83 -9.41
CA THR I 63 12.17 -17.63 -10.44
C THR I 63 12.43 -19.11 -10.23
N ALA I 64 13.65 -19.47 -9.83
CA ALA I 64 13.94 -20.88 -9.60
C ALA I 64 13.12 -21.43 -8.45
N GLU I 65 12.95 -20.65 -7.39
CA GLU I 65 12.15 -21.11 -6.26
C GLU I 65 10.69 -21.31 -6.66
N VAL I 66 10.10 -20.32 -7.31
CA VAL I 66 8.69 -20.42 -7.70
C VAL I 66 8.50 -21.56 -8.69
N LEU I 67 9.39 -21.68 -9.67
CA LEU I 67 9.21 -22.71 -10.68
C LEU I 67 9.44 -24.10 -10.13
N GLU I 68 10.36 -24.27 -9.16
CA GLU I 68 10.52 -25.61 -8.63
C GLU I 68 9.35 -26.00 -7.75
N LEU I 69 8.75 -25.04 -7.04
CA LEU I 69 7.52 -25.36 -6.32
C LEU I 69 6.39 -25.73 -7.27
N ALA I 70 6.28 -25.00 -8.37
CA ALA I 70 5.24 -25.31 -9.35
C ALA I 70 5.50 -26.66 -10.00
N GLY I 71 6.75 -27.01 -10.25
CA GLY I 71 7.06 -28.29 -10.86
C GLY I 71 6.81 -29.45 -9.91
N ASN I 72 7.06 -29.24 -8.62
CA ASN I 72 6.69 -30.24 -7.63
C ASN I 72 5.19 -30.45 -7.60
N ALA I 73 4.43 -29.36 -7.67
CA ALA I 73 2.97 -29.50 -7.71
C ALA I 73 2.51 -30.18 -8.99
N SER I 74 3.21 -29.93 -10.09
CA SER I 74 2.84 -30.56 -11.36
C SER I 74 3.10 -32.05 -11.33
N LYS I 75 4.24 -32.45 -10.79
CA LYS I 75 4.52 -33.88 -10.64
C LYS I 75 3.59 -34.51 -9.61
N ASP I 76 3.08 -33.72 -8.67
CA ASP I 76 1.98 -34.19 -7.84
C ASP I 76 0.75 -34.47 -8.68
N LEU I 77 0.44 -33.58 -9.62
CA LEU I 77 -0.72 -33.80 -10.50
C LEU I 77 -0.37 -34.57 -11.77
N LYS I 78 0.90 -34.91 -11.97
CA LYS I 78 1.35 -35.74 -13.10
C LYS I 78 1.01 -35.12 -14.45
N VAL I 79 1.49 -33.90 -14.67
CA VAL I 79 1.32 -33.17 -15.92
C VAL I 79 2.66 -32.59 -16.32
N LYS I 80 3.03 -32.75 -17.59
CA LYS I 80 4.31 -32.22 -18.04
C LYS I 80 4.30 -30.71 -18.09
N ARG I 81 3.19 -30.12 -18.52
CA ARG I 81 3.10 -28.67 -18.60
C ARG I 81 2.68 -28.11 -17.26
N ILE I 82 3.19 -26.92 -16.93
CA ILE I 82 2.79 -26.24 -15.71
C ILE I 82 1.66 -25.27 -16.04
N THR I 83 0.51 -25.49 -15.44
CA THR I 83 -0.63 -24.62 -15.65
C THR I 83 -0.65 -23.52 -14.61
N PRO I 84 -1.30 -22.39 -14.90
CA PRO I 84 -1.50 -21.38 -13.85
C PRO I 84 -2.14 -21.90 -12.59
N ARG I 85 -2.94 -22.97 -12.67
CA ARG I 85 -3.44 -23.59 -11.46
C ARG I 85 -2.29 -24.12 -10.61
N HIS I 86 -1.26 -24.68 -11.25
CA HIS I 86 -0.09 -25.12 -10.51
C HIS I 86 0.62 -23.95 -9.86
N LEU I 87 0.65 -22.80 -10.54
CA LEU I 87 1.31 -21.64 -9.97
C LEU I 87 0.55 -21.13 -8.76
N GLN I 88 -0.78 -21.08 -8.85
CA GLN I 88 -1.61 -20.71 -7.71
C GLN I 88 -1.39 -21.65 -6.55
N LEU I 89 -1.36 -22.95 -6.82
CA LEU I 89 -1.14 -23.95 -5.78
C LEU I 89 0.21 -23.78 -5.14
N ALA I 90 1.25 -23.57 -5.94
CA ALA I 90 2.59 -23.48 -5.38
C ALA I 90 2.78 -22.20 -4.60
N ILE I 91 2.18 -21.11 -5.07
CA ILE I 91 2.36 -19.83 -4.39
C ILE I 91 1.60 -19.83 -3.07
N ARG I 92 0.32 -20.20 -3.09
CA ARG I 92 -0.42 -20.19 -1.83
C ARG I 92 -0.04 -21.34 -0.93
N GLY I 93 0.61 -22.37 -1.46
CA GLY I 93 0.97 -23.52 -0.66
C GLY I 93 2.07 -23.18 0.33
N ASP I 94 3.26 -22.91 -0.19
CA ASP I 94 4.32 -22.41 0.67
C ASP I 94 3.99 -21.02 1.14
N GLU I 95 4.19 -20.76 2.43
CA GLU I 95 3.76 -19.49 3.01
C GLU I 95 4.62 -18.32 2.54
N GLU I 96 5.89 -18.60 2.22
CA GLU I 96 6.84 -17.52 1.97
C GLU I 96 6.50 -16.74 0.71
N LEU I 97 6.27 -17.45 -0.38
CA LEU I 97 6.02 -16.77 -1.64
C LEU I 97 4.66 -16.08 -1.62
N ASP I 98 3.69 -16.67 -0.94
CA ASP I 98 2.41 -16.01 -0.75
C ASP I 98 2.56 -14.73 0.04
N SER I 99 3.42 -14.75 1.06
CA SER I 99 3.68 -13.52 1.80
C SER I 99 4.42 -12.51 0.95
N LEU I 100 5.18 -12.97 -0.05
CA LEU I 100 5.82 -12.04 -0.96
C LEU I 100 4.84 -11.57 -2.04
N ILE I 101 4.18 -12.52 -2.70
CA ILE I 101 3.31 -12.20 -3.83
C ILE I 101 1.89 -12.07 -3.33
N LYS I 102 1.44 -10.83 -3.16
CA LYS I 102 0.07 -10.54 -2.78
C LYS I 102 -0.84 -10.38 -3.99
N ALA I 103 -0.37 -10.76 -5.17
CA ALA I 103 -1.08 -10.48 -6.40
C ALA I 103 -2.23 -11.47 -6.59
N THR I 104 -2.92 -11.33 -7.72
CA THR I 104 -4.00 -12.23 -8.11
C THR I 104 -3.62 -12.91 -9.40
N ILE I 105 -3.51 -14.24 -9.37
CA ILE I 105 -3.12 -15.00 -10.54
C ILE I 105 -4.32 -15.10 -11.48
N ALA I 106 -4.11 -14.77 -12.74
CA ALA I 106 -5.16 -14.86 -13.73
C ALA I 106 -5.45 -16.34 -14.02
N GLY I 107 -6.72 -16.72 -13.90
CA GLY I 107 -7.10 -18.10 -14.13
C GLY I 107 -6.58 -19.09 -13.12
N GLY I 108 -6.04 -18.63 -12.00
CA GLY I 108 -5.44 -19.51 -11.04
C GLY I 108 -6.44 -20.36 -10.29
N GLY I 109 -7.29 -19.71 -9.49
CA GLY I 109 -8.22 -20.43 -8.65
C GLY I 109 -8.00 -20.16 -7.19
N VAL I 110 -8.55 -21.00 -6.32
CA VAL I 110 -8.46 -20.83 -4.89
C VAL I 110 -8.00 -22.15 -4.27
N ILE I 111 -7.95 -22.17 -2.94
CA ILE I 111 -7.58 -23.37 -2.21
C ILE I 111 -8.75 -23.89 -1.40
N LYS J 32 6.22 -4.92 -38.06
CA LYS J 32 5.81 -4.53 -36.71
C LYS J 32 6.92 -4.75 -35.69
N THR J 33 6.96 -3.88 -34.68
CA THR J 33 8.08 -3.83 -33.76
C THR J 33 7.96 -4.95 -32.72
N ARG J 34 9.08 -5.64 -32.50
CA ARG J 34 9.11 -6.71 -31.51
C ARG J 34 9.00 -6.13 -30.12
N LYS J 35 8.46 -6.92 -29.19
CA LYS J 35 8.32 -6.48 -27.82
C LYS J 35 9.28 -7.25 -26.91
N GLU J 36 9.84 -6.55 -25.94
CA GLU J 36 10.75 -7.16 -24.98
C GLU J 36 10.01 -8.12 -24.07
N SER J 37 10.67 -9.22 -23.72
CA SER J 37 10.06 -10.22 -22.85
C SER J 37 11.13 -10.83 -21.95
N TYR J 38 10.77 -11.92 -21.28
CA TYR J 38 11.72 -12.65 -20.46
C TYR J 38 11.57 -14.15 -20.65
N ALA J 39 10.74 -14.56 -21.61
CA ALA J 39 10.24 -15.93 -21.67
C ALA J 39 11.36 -16.94 -21.85
N ILE J 40 12.36 -16.60 -22.67
CA ILE J 40 13.43 -17.54 -22.98
C ILE J 40 14.25 -17.84 -21.73
N TYR J 41 14.49 -16.83 -20.90
CA TYR J 41 15.30 -17.04 -19.72
C TYR J 41 14.54 -17.83 -18.67
N VAL J 42 13.22 -17.62 -18.58
CA VAL J 42 12.41 -18.44 -17.69
C VAL J 42 12.43 -19.88 -18.14
N TYR J 43 12.37 -20.11 -19.46
CA TYR J 43 12.44 -21.46 -19.98
C TYR J 43 13.79 -22.10 -19.66
N LYS J 44 14.86 -21.33 -19.79
CA LYS J 44 16.19 -21.85 -19.52
C LYS J 44 16.35 -22.24 -18.05
N VAL J 45 15.90 -21.37 -17.14
CA VAL J 45 16.07 -21.69 -15.73
C VAL J 45 15.13 -22.83 -15.33
N LEU J 46 13.98 -22.95 -15.99
CA LEU J 46 13.10 -24.07 -15.73
C LEU J 46 13.76 -25.37 -16.14
N LYS J 47 14.33 -25.40 -17.34
CA LYS J 47 15.02 -26.60 -17.81
C LYS J 47 16.23 -26.91 -16.95
N GLN J 48 16.84 -25.88 -16.35
CA GLN J 48 17.91 -26.15 -15.39
C GLN J 48 17.37 -26.86 -14.16
N VAL J 49 16.29 -26.35 -13.58
CA VAL J 49 15.83 -26.96 -12.33
C VAL J 49 15.01 -28.22 -12.59
N HIS J 50 14.18 -28.24 -13.63
CA HIS J 50 13.37 -29.40 -13.95
C HIS J 50 13.64 -29.75 -15.41
N PRO J 51 14.28 -30.89 -15.69
CA PRO J 51 14.75 -31.12 -17.05
C PRO J 51 13.67 -31.62 -17.99
N ASP J 52 12.58 -32.15 -17.46
CA ASP J 52 11.60 -32.81 -18.32
C ASP J 52 10.29 -32.07 -18.45
N THR J 53 9.91 -31.27 -17.46
CA THR J 53 8.57 -30.70 -17.46
C THR J 53 8.49 -29.51 -18.41
N GLY J 54 7.26 -29.05 -18.64
CA GLY J 54 7.00 -27.94 -19.53
C GLY J 54 6.15 -26.88 -18.84
N ILE J 55 5.92 -25.80 -19.57
CA ILE J 55 5.16 -24.68 -19.04
C ILE J 55 4.29 -24.12 -20.14
N SER J 56 3.02 -23.89 -19.82
CA SER J 56 2.09 -23.33 -20.78
C SER J 56 2.44 -21.88 -21.09
N SER J 57 1.92 -21.40 -22.23
CA SER J 57 2.21 -20.05 -22.65
C SER J 57 1.59 -19.04 -21.70
N LYS J 58 0.38 -19.31 -21.22
CA LYS J 58 -0.27 -18.39 -20.29
C LYS J 58 0.50 -18.32 -18.98
N ALA J 59 0.96 -19.47 -18.48
CA ALA J 59 1.80 -19.46 -17.29
C ALA J 59 3.12 -18.75 -17.55
N MET J 60 3.63 -18.85 -18.77
CA MET J 60 4.86 -18.13 -19.11
C MET J 60 4.63 -16.63 -19.05
N SER J 61 3.49 -16.18 -19.56
CA SER J 61 3.17 -14.76 -19.47
C SER J 61 3.00 -14.33 -18.02
N ILE J 62 2.43 -15.20 -17.20
CA ILE J 62 2.29 -14.90 -15.77
C ILE J 62 3.65 -14.71 -15.14
N MET J 63 4.57 -15.64 -15.39
CA MET J 63 5.90 -15.54 -14.82
C MET J 63 6.63 -14.31 -15.36
N ASN J 64 6.39 -13.95 -16.62
CA ASN J 64 7.02 -12.76 -17.17
C ASN J 64 6.54 -11.52 -16.44
N SER J 65 5.23 -11.41 -16.23
CA SER J 65 4.71 -10.27 -15.50
C SER J 65 5.23 -10.25 -14.07
N PHE J 66 5.39 -11.43 -13.46
CA PHE J 66 5.85 -11.49 -12.09
C PHE J 66 7.31 -11.05 -11.98
N VAL J 67 8.13 -11.45 -12.95
CA VAL J 67 9.53 -11.01 -12.99
C VAL J 67 9.59 -9.50 -13.15
N ASN J 68 8.77 -8.97 -14.07
CA ASN J 68 8.78 -7.53 -14.28
C ASN J 68 8.35 -6.79 -13.03
N ASP J 69 7.38 -7.34 -12.30
CA ASP J 69 6.90 -6.69 -11.09
C ASP J 69 7.96 -6.69 -10.00
N VAL J 70 8.63 -7.83 -9.79
CA VAL J 70 9.64 -7.89 -8.75
C VAL J 70 10.82 -7.00 -9.09
N PHE J 71 11.24 -7.01 -10.35
CA PHE J 71 12.35 -6.15 -10.74
C PHE J 71 11.98 -4.67 -10.64
N GLU J 72 10.73 -4.34 -10.95
CA GLU J 72 10.29 -2.95 -10.80
C GLU J 72 10.32 -2.53 -9.34
N ARG J 73 9.86 -3.41 -8.45
CA ARG J 73 9.89 -3.09 -7.02
C ARG J 73 11.31 -2.90 -6.52
N ILE J 74 12.22 -3.77 -6.96
CA ILE J 74 13.61 -3.67 -6.51
C ILE J 74 14.26 -2.40 -7.03
N ALA J 75 14.02 -2.08 -8.31
CA ALA J 75 14.61 -0.87 -8.87
C ALA J 75 14.07 0.39 -8.20
N GLY J 76 12.75 0.44 -7.97
CA GLY J 76 12.18 1.58 -7.28
C GLY J 76 12.72 1.73 -5.87
N GLU J 77 12.85 0.62 -5.14
CA GLU J 77 13.34 0.70 -3.77
C GLU J 77 14.81 1.10 -3.73
N ALA J 78 15.60 0.61 -4.69
CA ALA J 78 17.00 0.99 -4.73
C ALA J 78 17.16 2.47 -5.06
N SER J 79 16.34 2.96 -5.99
CA SER J 79 16.39 4.38 -6.32
C SER J 79 16.00 5.23 -5.11
N ARG J 80 14.97 4.80 -4.38
CA ARG J 80 14.55 5.53 -3.19
C ARG J 80 15.64 5.52 -2.13
N LEU J 81 16.33 4.40 -1.98
CA LEU J 81 17.38 4.32 -0.98
C LEU J 81 18.57 5.19 -1.37
N ALA J 82 18.93 5.20 -2.65
CA ALA J 82 20.03 6.05 -3.10
C ALA J 82 19.69 7.51 -2.95
N HIS J 83 18.42 7.88 -3.17
CA HIS J 83 18.03 9.26 -2.95
C HIS J 83 17.99 9.60 -1.47
N TYR J 84 17.76 8.61 -0.61
CA TYR J 84 17.79 8.85 0.83
C TYR J 84 19.19 9.17 1.29
N ASN J 85 20.17 8.35 0.89
CA ASN J 85 21.52 8.47 1.40
C ASN J 85 22.34 9.48 0.61
N LYS J 86 21.69 10.31 -0.22
CA LYS J 86 22.32 11.43 -0.93
C LYS J 86 23.41 10.97 -1.89
N ARG J 87 23.32 9.72 -2.35
CA ARG J 87 24.24 9.21 -3.35
C ARG J 87 23.54 9.10 -4.69
N SER J 88 24.32 8.80 -5.73
CA SER J 88 23.81 8.82 -7.09
C SER J 88 24.21 7.61 -7.91
N THR J 89 24.90 6.64 -7.34
CA THR J 89 25.36 5.46 -8.06
C THR J 89 24.85 4.21 -7.37
N ILE J 90 23.86 3.56 -7.97
CA ILE J 90 23.28 2.35 -7.41
C ILE J 90 24.28 1.21 -7.63
N THR J 91 25.04 0.88 -6.61
CA THR J 91 25.97 -0.24 -6.66
C THR J 91 25.28 -1.50 -6.16
N SER J 92 26.07 -2.52 -5.88
CA SER J 92 25.50 -3.75 -5.35
C SER J 92 24.95 -3.56 -3.95
N ARG J 93 25.42 -2.56 -3.22
CA ARG J 93 25.03 -2.44 -1.82
C ARG J 93 23.56 -2.07 -1.69
N GLU J 94 23.10 -1.09 -2.46
CA GLU J 94 21.70 -0.68 -2.36
C GLU J 94 20.78 -1.77 -2.88
N ILE J 95 21.22 -2.53 -3.88
CA ILE J 95 20.41 -3.64 -4.36
C ILE J 95 20.28 -4.70 -3.28
N GLN J 96 21.39 -5.02 -2.61
CA GLN J 96 21.37 -5.99 -1.54
C GLN J 96 20.45 -5.55 -0.41
N THR J 97 20.49 -4.26 -0.08
CA THR J 97 19.57 -3.75 0.92
C THR J 97 18.13 -3.82 0.45
N ALA J 98 17.89 -3.67 -0.85
CA ALA J 98 16.54 -3.75 -1.35
C ALA J 98 15.99 -5.17 -1.22
N VAL J 99 16.81 -6.18 -1.49
CA VAL J 99 16.28 -7.53 -1.31
C VAL J 99 16.19 -7.89 0.17
N ARG J 100 17.05 -7.32 1.02
CA ARG J 100 16.85 -7.55 2.45
C ARG J 100 15.63 -6.81 2.98
N LEU J 101 15.16 -5.81 2.24
CA LEU J 101 13.97 -5.08 2.61
C LEU J 101 12.70 -5.81 2.17
N LEU J 102 12.58 -6.06 0.87
CA LEU J 102 11.31 -6.53 0.31
C LEU J 102 10.99 -7.96 0.75
N LEU J 103 11.86 -8.88 0.43
CA LEU J 103 11.59 -10.28 0.68
C LEU J 103 11.67 -10.57 2.17
N PRO J 104 10.83 -11.46 2.69
CA PRO J 104 10.91 -11.79 4.11
C PRO J 104 12.10 -12.70 4.42
N GLY J 105 12.25 -13.07 5.69
CA GLY J 105 13.53 -13.46 6.26
C GLY J 105 14.43 -14.47 5.57
N GLU J 106 14.05 -15.75 5.58
CA GLU J 106 14.97 -16.77 5.11
C GLU J 106 15.06 -16.77 3.59
N LEU J 107 13.98 -16.35 2.93
CA LEU J 107 14.06 -16.12 1.49
C LEU J 107 15.05 -15.03 1.18
N ALA J 108 15.04 -13.95 1.96
CA ALA J 108 16.02 -12.89 1.77
C ALA J 108 17.43 -13.39 2.06
N LYS J 109 17.57 -14.30 3.02
CA LYS J 109 18.88 -14.83 3.36
C LYS J 109 19.44 -15.65 2.21
N HIS J 110 18.63 -16.55 1.66
CA HIS J 110 19.04 -17.31 0.49
C HIS J 110 19.35 -16.39 -0.67
N ALA J 111 18.56 -15.33 -0.82
CA ALA J 111 18.74 -14.40 -1.93
C ALA J 111 20.06 -13.66 -1.82
N VAL J 112 20.36 -13.11 -0.64
CA VAL J 112 21.60 -12.36 -0.48
C VAL J 112 22.80 -13.30 -0.57
N SER J 113 22.63 -14.56 -0.16
CA SER J 113 23.71 -15.54 -0.32
C SER J 113 24.01 -15.77 -1.79
N GLU J 114 22.96 -16.01 -2.59
CA GLU J 114 23.17 -16.23 -4.02
C GLU J 114 23.71 -14.98 -4.70
N GLY J 115 23.30 -13.81 -4.21
CA GLY J 115 23.80 -12.57 -4.79
C GLY J 115 25.28 -12.38 -4.55
N THR J 116 25.72 -12.60 -3.31
CA THR J 116 27.14 -12.49 -3.01
C THR J 116 27.94 -13.54 -3.78
N LYS J 117 27.40 -14.75 -3.89
CA LYS J 117 28.10 -15.80 -4.63
C LYS J 117 28.26 -15.42 -6.10
N ALA J 118 27.21 -14.90 -6.70
CA ALA J 118 27.27 -14.53 -8.11
C ALA J 118 28.21 -13.35 -8.33
N VAL J 119 28.18 -12.36 -7.44
CA VAL J 119 29.05 -11.21 -7.66
C VAL J 119 30.51 -11.58 -7.41
N THR J 120 30.77 -12.55 -6.52
CA THR J 120 32.14 -12.99 -6.34
C THR J 120 32.62 -13.79 -7.54
N LYS J 121 31.75 -14.63 -8.10
CA LYS J 121 32.12 -15.36 -9.32
C LYS J 121 32.37 -14.40 -10.47
N TYR J 122 31.62 -13.30 -10.52
CA TYR J 122 31.84 -12.30 -11.56
C TYR J 122 33.18 -11.61 -11.35
N THR J 123 33.43 -11.13 -10.14
CA THR J 123 34.64 -10.36 -9.90
C THR J 123 35.90 -11.20 -9.99
N SER J 124 35.85 -12.44 -9.52
CA SER J 124 37.02 -13.32 -9.56
C SER J 124 37.12 -14.04 -10.90
N ALA J 125 37.20 -13.27 -11.98
CA ALA J 125 37.27 -13.81 -13.32
C ALA J 125 38.27 -12.98 -14.11
N LYS J 126 38.26 -13.16 -15.44
CA LYS J 126 39.13 -12.41 -16.31
C LYS J 126 38.71 -10.93 -16.37
#